data_9KSN
#
_entry.id   9KSN
#
_cell.length_a   156.070
_cell.length_b   156.070
_cell.length_c   112.310
_cell.angle_alpha   90.000
_cell.angle_beta   90.000
_cell.angle_gamma   90.000
#
_symmetry.space_group_name_H-M   'P 43 21 2'
#
loop_
_entity.id
_entity.type
_entity.pdbx_description
1 polymer 'Meso-diaminopimelate D-dehydrogenase'
2 non-polymer 'NADP NICOTINAMIDE-ADENINE-DINUCLEOTIDE PHOSPHATE'
3 non-polymer 'OXAMIC ACID'
4 non-polymer IMIDAZOLE
5 non-polymer 'ACETIC ACID'
6 water water
#
_entity_poly.entity_id   1
_entity_poly.type   'polypeptide(L)'
_entity_poly.pdbx_seq_one_letter_code
;MGSSHHHHHHSGIVPRGSHMASMTGGGQMGRGSEFELRRQMSEIRTERPIRVAIIGYGNIGQYALQAVEEAPDMELAGVV
RRQSSLEKPLPRELHGVSVVSDVSALGQVDVAVLCTPTYETPAIAKELLARGIHTIDSFDIHQEIVQVRHELDEVARAHQ
AVAILAAGLLPGTCSMIRSILEFMAPYGITYTNVGPGMSMSASVAVKAIEGVKDALALIIPIGTGLHRRMVYVELEEGAD
FATVKERILQDPLFVHDETHVLQVDDVKQLIDRGIAVRMERKGVSGQTQNQLFTYEMRINNPALTSQVMIASARAAMRQK
PGAYTMIEIPIIDFLYGDRDELIRRLV
;
_entity_poly.pdbx_strand_id   A,B,C
#
loop_
_chem_comp.id
_chem_comp.type
_chem_comp.name
_chem_comp.formula
ACY non-polymer 'ACETIC ACID' 'C2 H4 O2'
IMD non-polymer IMIDAZOLE 'C3 H5 N2 1'
NAP non-polymer 'NADP NICOTINAMIDE-ADENINE-DINUCLEOTIDE PHOSPHATE' 'C21 H28 N7 O17 P3'
OXM non-polymer 'OXAMIC ACID' 'C2 H3 N O3'
#
# COMPACT_ATOMS: atom_id res chain seq x y z
N ARG A 45 13.97 21.29 21.93
CA ARG A 45 14.35 22.03 20.74
C ARG A 45 13.11 22.36 19.92
N THR A 46 12.14 21.45 19.98
CA THR A 46 10.81 21.68 19.46
C THR A 46 9.97 22.37 20.52
N GLU A 47 8.88 23.00 20.09
CA GLU A 47 8.03 23.72 21.03
C GLU A 47 7.47 22.73 22.04
N ARG A 48 6.41 22.01 21.66
CA ARG A 48 5.81 21.02 22.55
C ARG A 48 6.47 19.67 22.29
N PRO A 49 7.31 19.16 23.18
CA PRO A 49 7.98 17.89 22.94
C PRO A 49 6.99 16.74 22.95
N ILE A 50 7.33 15.68 22.22
CA ILE A 50 6.52 14.47 22.25
C ILE A 50 6.75 13.73 23.56
N ARG A 51 5.68 13.41 24.27
CA ARG A 51 5.76 12.71 25.54
C ARG A 51 5.64 11.21 25.29
N VAL A 52 6.70 10.46 25.58
CA VAL A 52 6.80 9.04 25.26
C VAL A 52 6.83 8.25 26.57
N ALA A 53 6.00 7.21 26.63
CA ALA A 53 6.01 6.27 27.75
C ALA A 53 6.56 4.92 27.28
N ILE A 54 7.37 4.30 28.12
CA ILE A 54 7.96 2.98 27.84
C ILE A 54 7.19 1.93 28.64
N ILE A 55 6.59 0.98 27.94
CA ILE A 55 5.78 -0.06 28.56
C ILE A 55 6.63 -1.33 28.64
N GLY A 56 7.03 -1.71 29.85
CA GLY A 56 7.84 -2.89 30.06
C GLY A 56 9.31 -2.57 30.01
N TYR A 57 10.03 -2.81 31.11
CA TYR A 57 11.44 -2.44 31.22
C TYR A 57 12.30 -3.70 31.17
N GLY A 58 12.38 -4.27 29.98
CA GLY A 58 13.28 -5.35 29.64
C GLY A 58 14.49 -4.85 28.88
N ASN A 59 15.00 -5.69 27.99
CA ASN A 59 16.12 -5.29 27.14
C ASN A 59 15.75 -4.12 26.23
N ILE A 60 14.62 -4.24 25.52
CA ILE A 60 14.20 -3.17 24.62
C ILE A 60 13.90 -1.89 25.40
N GLY A 61 13.25 -2.02 26.56
CA GLY A 61 12.89 -0.83 27.32
C GLY A 61 14.10 -0.06 27.82
N GLN A 62 15.15 -0.77 28.23
CA GLN A 62 16.36 -0.10 28.71
C GLN A 62 17.02 0.73 27.62
N TYR A 63 17.11 0.18 26.40
CA TYR A 63 17.71 0.92 25.30
C TYR A 63 16.76 2.00 24.80
N ALA A 64 15.45 1.73 24.80
CA ALA A 64 14.47 2.73 24.42
C ALA A 64 14.60 3.98 25.30
N LEU A 65 14.92 3.79 26.57
CA LEU A 65 15.18 4.91 27.47
C LEU A 65 16.24 5.83 26.89
N GLN A 66 17.36 5.25 26.43
CA GLN A 66 18.44 6.04 25.86
C GLN A 66 18.03 6.69 24.55
N ALA A 67 17.27 5.97 23.72
CA ALA A 67 16.84 6.52 22.44
C ALA A 67 15.92 7.72 22.62
N VAL A 68 15.01 7.65 23.60
CA VAL A 68 14.12 8.78 23.87
C VAL A 68 14.93 9.98 24.34
N GLU A 69 15.92 9.74 25.21
CA GLU A 69 16.74 10.83 25.74
C GLU A 69 17.46 11.57 24.62
N GLU A 70 18.03 10.83 23.67
CA GLU A 70 18.77 11.46 22.58
C GLU A 70 17.83 12.11 21.56
N ALA A 71 16.59 11.63 21.46
CA ALA A 71 15.63 12.22 20.52
C ALA A 71 15.39 13.68 20.87
N PRO A 72 15.71 14.63 19.98
CA PRO A 72 15.54 16.04 20.34
C PRO A 72 14.10 16.51 20.38
N ASP A 73 13.16 15.76 19.79
CA ASP A 73 11.76 16.15 19.78
C ASP A 73 10.93 15.36 20.77
N MET A 74 11.56 14.64 21.70
CA MET A 74 10.85 13.77 22.62
C MET A 74 11.36 13.94 24.04
N GLU A 75 10.45 13.80 24.99
CA GLU A 75 10.78 13.75 26.42
C GLU A 75 10.12 12.51 27.03
N LEU A 76 10.79 11.95 28.04
CA LEU A 76 10.32 10.72 28.66
C LEU A 76 9.15 11.03 29.59
N ALA A 77 7.99 10.44 29.33
CA ALA A 77 6.86 10.57 30.25
C ALA A 77 7.06 9.70 31.48
N GLY A 78 7.64 8.53 31.30
CA GLY A 78 7.82 7.59 32.39
C GLY A 78 7.90 6.18 31.87
N VAL A 79 8.06 5.24 32.80
CA VAL A 79 8.16 3.83 32.49
C VAL A 79 7.04 3.10 33.24
N VAL A 80 6.31 2.26 32.53
CA VAL A 80 5.21 1.48 33.09
C VAL A 80 5.67 0.04 33.24
N ARG A 81 5.56 -0.50 34.46
CA ARG A 81 5.98 -1.86 34.74
C ARG A 81 4.85 -2.61 35.42
N ARG A 82 4.99 -3.93 35.46
CA ARG A 82 4.10 -4.76 36.25
C ARG A 82 4.25 -4.43 37.74
N GLN A 83 3.17 -4.65 38.49
CA GLN A 83 3.21 -4.39 39.92
C GLN A 83 4.26 -5.27 40.62
N SER A 84 4.41 -6.51 40.15
CA SER A 84 5.43 -7.38 40.71
C SER A 84 6.82 -6.79 40.55
N SER A 85 7.11 -6.19 39.38
CA SER A 85 8.42 -5.60 39.15
C SER A 85 8.59 -4.28 39.88
N LEU A 86 7.49 -3.66 40.30
CA LEU A 86 7.56 -2.42 41.06
C LEU A 86 8.06 -2.67 42.48
N GLU A 87 8.04 -3.92 42.92
CA GLU A 87 8.42 -4.27 44.29
C GLU A 87 9.89 -4.65 44.43
N LYS A 88 10.57 -4.91 43.32
CA LYS A 88 12.02 -5.06 43.32
C LYS A 88 12.72 -3.71 43.41
N PRO A 89 13.99 -3.69 43.82
CA PRO A 89 14.70 -2.41 43.98
C PRO A 89 14.75 -1.62 42.69
N LEU A 90 14.69 -0.30 42.84
CA LEU A 90 14.66 0.60 41.70
C LEU A 90 16.00 0.60 40.98
N PRO A 91 16.03 0.32 39.68
CA PRO A 91 17.30 0.34 38.95
C PRO A 91 17.95 1.72 39.02
N ARG A 92 19.29 1.72 39.02
CA ARG A 92 20.03 2.95 39.28
C ARG A 92 19.84 3.98 38.18
N GLU A 93 19.59 3.52 36.95
CA GLU A 93 19.41 4.45 35.83
C GLU A 93 18.02 5.06 35.79
N LEU A 94 17.08 4.57 36.58
CA LEU A 94 15.73 5.11 36.63
C LEU A 94 15.54 6.13 37.75
N HIS A 95 16.63 6.57 38.39
CA HIS A 95 16.52 7.63 39.38
C HIS A 95 16.03 8.91 38.73
N GLY A 96 15.00 9.51 39.31
CA GLY A 96 14.37 10.67 38.72
C GLY A 96 13.40 10.38 37.61
N VAL A 97 13.05 9.11 37.39
CA VAL A 97 12.12 8.70 36.34
C VAL A 97 10.85 8.19 37.00
N SER A 98 9.70 8.68 36.53
CA SER A 98 8.41 8.20 37.02
C SER A 98 8.21 6.76 36.58
N VAL A 99 8.20 5.83 37.53
CA VAL A 99 8.01 4.41 37.27
C VAL A 99 6.70 3.99 37.94
N VAL A 100 5.68 3.69 37.14
CA VAL A 100 4.33 3.43 37.63
C VAL A 100 3.84 2.11 37.05
N SER A 101 2.61 1.73 37.43
CA SER A 101 1.99 0.49 36.98
C SER A 101 0.93 0.70 35.91
N ASP A 102 0.53 1.94 35.65
CA ASP A 102 -0.45 2.23 34.61
C ASP A 102 -0.15 3.59 34.01
N VAL A 103 -0.42 3.72 32.70
CA VAL A 103 -0.07 4.93 31.97
C VAL A 103 -0.83 6.16 32.49
N SER A 104 -1.98 5.95 33.14
CA SER A 104 -2.77 7.08 33.62
C SER A 104 -2.04 7.89 34.69
N ALA A 105 -1.08 7.29 35.38
CA ALA A 105 -0.35 7.99 36.44
C ALA A 105 0.80 8.84 35.90
N LEU A 106 1.00 8.90 34.58
CA LEU A 106 2.10 9.66 34.00
C LEU A 106 1.64 10.97 33.37
N GLY A 107 0.38 11.36 33.55
CA GLY A 107 -0.07 12.56 32.88
C GLY A 107 -0.27 12.32 31.40
N GLN A 108 -0.03 13.39 30.62
CA GLN A 108 -0.19 13.32 29.17
C GLN A 108 0.86 12.43 28.54
N VAL A 109 0.41 11.47 27.74
CA VAL A 109 1.28 10.55 27.02
C VAL A 109 0.86 10.56 25.55
N ASP A 110 1.77 11.02 24.68
CA ASP A 110 1.48 11.03 23.25
C ASP A 110 1.63 9.65 22.63
N VAL A 111 2.75 8.98 22.88
CA VAL A 111 3.06 7.71 22.26
C VAL A 111 3.49 6.72 23.35
N ALA A 112 3.03 5.48 23.23
CA ALA A 112 3.47 4.40 24.10
C ALA A 112 4.34 3.44 23.28
N VAL A 113 5.55 3.22 23.76
CA VAL A 113 6.50 2.33 23.08
C VAL A 113 6.44 1.00 23.81
N LEU A 114 5.96 -0.03 23.12
CA LEU A 114 5.63 -1.30 23.74
C LEU A 114 6.85 -2.21 23.69
N CYS A 115 7.52 -2.38 24.83
CA CYS A 115 8.67 -3.25 24.94
C CYS A 115 8.29 -4.49 25.74
N THR A 116 7.16 -5.07 25.40
CA THR A 116 6.55 -6.18 26.11
C THR A 116 6.73 -7.47 25.31
N PRO A 117 6.52 -8.63 25.94
CA PRO A 117 6.67 -9.90 25.20
C PRO A 117 5.68 -9.98 24.04
N THR A 118 6.08 -10.71 23.01
CA THR A 118 5.34 -10.75 21.75
C THR A 118 3.87 -11.07 21.96
N TYR A 119 3.58 -12.16 22.67
CA TYR A 119 2.20 -12.60 22.83
C TYR A 119 1.39 -11.64 23.69
N GLU A 120 2.03 -10.86 24.55
CA GLU A 120 1.33 -9.91 25.40
C GLU A 120 1.03 -8.59 24.71
N THR A 121 1.63 -8.33 23.55
CA THR A 121 1.71 -6.98 22.98
C THR A 121 0.44 -6.50 22.29
N PRO A 122 -0.21 -7.31 21.42
CA PRO A 122 -1.43 -6.79 20.76
C PRO A 122 -2.52 -6.37 21.72
N ALA A 123 -2.75 -7.14 22.80
CA ALA A 123 -3.78 -6.77 23.76
C ALA A 123 -3.43 -5.47 24.47
N ILE A 124 -2.16 -5.30 24.86
CA ILE A 124 -1.71 -4.05 25.47
C ILE A 124 -1.89 -2.89 24.52
N ALA A 125 -1.58 -3.10 23.23
CA ALA A 125 -1.72 -2.05 22.23
C ALA A 125 -3.19 -1.62 22.10
N LYS A 126 -4.09 -2.59 21.94
CA LYS A 126 -5.51 -2.29 21.82
C LYS A 126 -6.00 -1.48 23.02
N GLU A 127 -5.53 -1.82 24.22
CA GLU A 127 -5.94 -1.09 25.41
C GLU A 127 -5.50 0.38 25.33
N LEU A 128 -4.28 0.63 24.87
CA LEU A 128 -3.74 1.99 24.88
C LEU A 128 -4.27 2.80 23.70
N LEU A 129 -4.47 2.16 22.55
CA LEU A 129 -5.12 2.82 21.42
C LEU A 129 -6.49 3.34 21.82
N ALA A 130 -7.25 2.53 22.57
CA ALA A 130 -8.60 2.93 22.98
C ALA A 130 -8.59 4.17 23.85
N ARG A 131 -7.49 4.41 24.55
CA ARG A 131 -7.32 5.65 25.31
C ARG A 131 -6.86 6.81 24.44
N GLY A 132 -6.76 6.61 23.13
CA GLY A 132 -6.29 7.66 22.24
C GLY A 132 -4.79 7.84 22.21
N ILE A 133 -4.02 6.88 22.71
CA ILE A 133 -2.57 6.96 22.76
C ILE A 133 -1.99 6.19 21.57
N HIS A 134 -1.05 6.82 20.87
CA HIS A 134 -0.34 6.13 19.80
C HIS A 134 0.53 5.02 20.40
N THR A 135 0.70 3.94 19.63
CA THR A 135 1.46 2.78 20.09
C THR A 135 2.47 2.36 19.04
N ILE A 136 3.68 2.07 19.49
CA ILE A 136 4.73 1.48 18.67
C ILE A 136 5.09 0.12 19.25
N ASP A 137 5.24 -0.88 18.39
CA ASP A 137 5.66 -2.20 18.83
C ASP A 137 6.54 -2.82 17.78
N SER A 138 7.26 -3.86 18.17
CA SER A 138 8.10 -4.65 17.28
C SER A 138 7.63 -6.10 17.22
N PHE A 139 6.30 -6.29 17.24
CA PHE A 139 5.70 -7.60 17.09
C PHE A 139 6.33 -8.36 15.92
N ASP A 140 6.78 -9.58 16.19
CA ASP A 140 7.68 -10.29 15.29
C ASP A 140 7.17 -11.65 14.84
N ILE A 141 5.86 -11.90 14.93
CA ILE A 141 5.27 -13.12 14.38
C ILE A 141 4.77 -12.77 12.98
N HIS A 142 5.56 -13.12 11.98
CA HIS A 142 5.29 -12.69 10.60
C HIS A 142 3.92 -13.15 10.12
N GLN A 143 3.54 -14.40 10.44
CA GLN A 143 2.30 -14.95 9.93
C GLN A 143 1.07 -14.27 10.51
N GLU A 144 1.23 -13.53 11.60
CA GLU A 144 0.10 -12.91 12.29
C GLU A 144 0.02 -11.40 12.06
N ILE A 145 0.92 -10.83 11.26
CA ILE A 145 1.01 -9.38 11.14
C ILE A 145 -0.23 -8.82 10.44
N VAL A 146 -0.62 -9.43 9.32
CA VAL A 146 -1.80 -8.95 8.58
C VAL A 146 -3.02 -8.92 9.49
N GLN A 147 -3.25 -10.00 10.24
CA GLN A 147 -4.41 -10.06 11.12
C GLN A 147 -4.30 -9.04 12.25
N VAL A 148 -3.13 -8.98 12.90
CA VAL A 148 -2.94 -8.02 13.99
C VAL A 148 -3.08 -6.60 13.47
N ARG A 149 -2.58 -6.33 12.26
CA ARG A 149 -2.69 -5.01 11.66
C ARG A 149 -4.16 -4.59 11.53
N HIS A 150 -5.00 -5.50 11.02
CA HIS A 150 -6.43 -5.19 10.88
C HIS A 150 -7.07 -4.89 12.23
N GLU A 151 -6.74 -5.69 13.25
CA GLU A 151 -7.36 -5.49 14.56
C GLU A 151 -6.95 -4.15 15.17
N LEU A 152 -5.66 -3.81 15.08
CA LEU A 152 -5.20 -2.52 15.57
C LEU A 152 -5.75 -1.36 14.74
N ASP A 153 -5.91 -1.57 13.42
CA ASP A 153 -6.43 -0.51 12.57
C ASP A 153 -7.82 -0.07 13.01
N GLU A 154 -8.67 -1.03 13.33
CA GLU A 154 -10.06 -0.72 13.69
C GLU A 154 -10.13 0.01 15.02
N VAL A 155 -9.33 -0.39 16.01
CA VAL A 155 -9.31 0.29 17.29
C VAL A 155 -8.71 1.69 17.13
N ALA A 156 -7.61 1.80 16.38
CA ALA A 156 -6.94 3.09 16.21
C ALA A 156 -7.86 4.10 15.54
N ARG A 157 -8.57 3.69 14.48
CA ARG A 157 -9.48 4.60 13.80
C ARG A 157 -10.64 5.01 14.70
N ALA A 158 -11.09 4.11 15.57
CA ALA A 158 -12.20 4.43 16.46
C ALA A 158 -11.83 5.48 17.48
N HIS A 159 -10.54 5.66 17.76
CA HIS A 159 -10.11 6.55 18.84
C HIS A 159 -9.07 7.55 18.36
N GLN A 160 -9.02 7.83 17.06
CA GLN A 160 -8.15 8.87 16.51
C GLN A 160 -6.69 8.66 16.93
N ALA A 161 -6.23 7.41 16.84
CA ALA A 161 -4.88 7.05 17.24
C ALA A 161 -4.14 6.37 16.09
N VAL A 162 -2.81 6.33 16.21
CA VAL A 162 -1.96 5.73 15.20
C VAL A 162 -1.19 4.59 15.85
N ALA A 163 -1.26 3.41 15.24
CA ALA A 163 -0.48 2.26 15.68
C ALA A 163 0.49 1.89 14.58
N ILE A 164 1.77 1.81 14.93
CA ILE A 164 2.79 1.28 14.04
C ILE A 164 3.29 -0.02 14.66
N LEU A 165 3.10 -1.12 13.93
CA LEU A 165 3.42 -2.44 14.44
C LEU A 165 4.53 -3.06 13.60
N ALA A 166 5.21 -4.05 14.20
CA ALA A 166 6.29 -4.77 13.54
C ALA A 166 7.43 -3.83 13.14
N ALA A 167 7.67 -2.80 13.95
CA ALA A 167 8.63 -1.76 13.63
C ALA A 167 9.89 -1.96 14.46
N GLY A 168 10.62 -3.01 14.11
CA GLY A 168 11.87 -3.35 14.78
C GLY A 168 12.99 -3.54 13.77
N LEU A 169 13.81 -4.55 14.04
CA LEU A 169 14.90 -4.89 13.13
C LEU A 169 14.41 -5.80 12.01
N LEU A 170 13.79 -6.93 12.37
CA LEU A 170 13.19 -7.84 11.39
C LEU A 170 12.05 -8.56 12.10
N PRO A 171 10.80 -8.19 11.83
CA PRO A 171 10.33 -7.20 10.85
C PRO A 171 10.65 -5.75 11.24
N GLY A 172 10.56 -4.83 10.28
CA GLY A 172 10.95 -3.45 10.52
C GLY A 172 11.79 -2.89 9.38
N THR A 173 12.98 -2.39 9.71
CA THR A 173 13.80 -1.75 8.69
C THR A 173 14.28 -2.74 7.63
N CYS A 174 14.54 -3.99 8.01
CA CYS A 174 14.91 -5.00 7.03
C CYS A 174 13.76 -5.26 6.06
N SER A 175 12.52 -5.19 6.55
CA SER A 175 11.36 -5.31 5.67
C SER A 175 11.33 -4.17 4.67
N MET A 176 11.70 -2.96 5.11
CA MET A 176 11.70 -1.82 4.20
C MET A 176 12.73 -2.01 3.09
N ILE A 177 13.95 -2.41 3.46
CA ILE A 177 14.99 -2.69 2.47
C ILE A 177 14.52 -3.79 1.53
N ARG A 178 14.02 -4.89 2.10
CA ARG A 178 13.51 -6.01 1.31
C ARG A 178 12.47 -5.56 0.28
N SER A 179 11.55 -4.68 0.69
CA SER A 179 10.51 -4.23 -0.24
C SER A 179 11.08 -3.34 -1.32
N ILE A 180 12.10 -2.54 -1.00
CA ILE A 180 12.72 -1.69 -2.01
C ILE A 180 13.44 -2.54 -3.05
N LEU A 181 14.13 -3.59 -2.62
CA LEU A 181 14.72 -4.52 -3.57
C LEU A 181 13.66 -5.13 -4.48
N GLU A 182 12.46 -5.39 -3.95
CA GLU A 182 11.43 -6.06 -4.72
C GLU A 182 11.04 -5.26 -5.96
N PHE A 183 10.82 -3.96 -5.81
CA PHE A 183 10.37 -3.18 -6.96
C PHE A 183 11.51 -2.69 -7.83
N MET A 184 12.76 -2.72 -7.36
CA MET A 184 13.89 -2.49 -8.26
C MET A 184 14.11 -3.68 -9.20
N ALA A 185 13.74 -4.87 -8.77
CA ALA A 185 13.91 -6.08 -9.59
C ALA A 185 12.74 -7.02 -9.30
N PRO A 186 11.62 -6.85 -9.99
CA PRO A 186 10.40 -7.60 -9.62
C PRO A 186 10.53 -9.11 -9.78
N TYR A 187 11.29 -9.60 -10.76
CA TYR A 187 11.48 -11.03 -10.95
C TYR A 187 12.77 -11.46 -10.28
N GLY A 188 12.72 -12.53 -9.51
CA GLY A 188 13.89 -13.04 -8.83
C GLY A 188 13.54 -13.48 -7.42
N ILE A 189 14.59 -13.68 -6.62
CA ILE A 189 14.48 -14.23 -5.28
C ILE A 189 15.32 -13.38 -4.33
N THR A 190 14.80 -13.13 -3.13
CA THR A 190 15.54 -12.48 -2.07
C THR A 190 15.78 -13.48 -0.95
N TYR A 191 17.02 -13.55 -0.47
CA TYR A 191 17.39 -14.39 0.66
C TYR A 191 17.69 -13.49 1.84
N THR A 192 17.04 -13.74 2.97
CA THR A 192 17.29 -13.02 4.21
C THR A 192 17.99 -13.98 5.17
N ASN A 193 19.25 -13.68 5.48
CA ASN A 193 20.08 -14.56 6.28
C ASN A 193 20.33 -13.87 7.62
N VAL A 194 19.70 -14.40 8.67
CA VAL A 194 19.77 -13.81 9.99
C VAL A 194 21.03 -14.37 10.66
N GLY A 195 22.09 -13.57 10.68
CA GLY A 195 23.41 -13.98 11.12
C GLY A 195 23.43 -14.47 12.55
N PRO A 196 24.58 -15.02 12.99
CA PRO A 196 24.68 -15.58 14.35
C PRO A 196 24.22 -14.59 15.40
N GLY A 197 23.18 -14.97 16.15
CA GLY A 197 22.62 -14.10 17.17
C GLY A 197 21.67 -14.88 18.04
N MET A 198 21.33 -14.27 19.17
CA MET A 198 20.47 -14.93 20.14
C MET A 198 19.02 -14.87 19.68
N SER A 199 18.30 -15.95 19.95
CA SER A 199 16.84 -15.97 19.77
C SER A 199 16.26 -16.13 21.17
N MET A 200 15.60 -15.07 21.65
CA MET A 200 15.07 -15.12 23.01
C MET A 200 13.72 -15.81 23.11
N SER A 201 13.05 -16.06 21.98
CA SER A 201 11.85 -16.90 22.03
C SER A 201 12.20 -18.37 21.97
N ALA A 202 13.35 -18.71 21.37
CA ALA A 202 13.82 -20.08 21.39
C ALA A 202 14.58 -20.40 22.68
N SER A 203 15.23 -19.40 23.28
CA SER A 203 15.95 -19.63 24.53
C SER A 203 15.00 -19.93 25.67
N VAL A 204 13.89 -19.20 25.76
CA VAL A 204 12.94 -19.46 26.83
C VAL A 204 12.14 -20.72 26.55
N ALA A 205 12.04 -21.13 25.28
CA ALA A 205 11.38 -22.38 24.97
C ALA A 205 12.22 -23.57 25.41
N VAL A 206 13.55 -23.45 25.28
CA VAL A 206 14.45 -24.48 25.77
C VAL A 206 14.54 -24.44 27.30
N LYS A 207 14.13 -23.34 27.93
CA LYS A 207 14.21 -23.26 29.37
C LYS A 207 13.04 -23.96 30.03
N ALA A 208 11.89 -23.99 29.35
CA ALA A 208 10.69 -24.62 29.87
C ALA A 208 10.75 -26.15 29.82
N ILE A 209 11.80 -26.73 29.23
CA ILE A 209 11.92 -28.17 29.03
C ILE A 209 12.42 -28.85 30.31
N GLU A 210 11.96 -30.07 30.54
CA GLU A 210 12.37 -30.81 31.73
C GLU A 210 13.88 -31.08 31.72
N GLY A 211 14.59 -30.60 32.73
CA GLY A 211 15.98 -30.94 32.90
C GLY A 211 16.98 -29.84 32.63
N VAL A 212 16.55 -28.68 32.13
CA VAL A 212 17.43 -27.58 31.76
C VAL A 212 17.25 -26.44 32.77
N LYS A 213 18.34 -26.14 33.49
CA LYS A 213 18.34 -25.02 34.44
C LYS A 213 18.39 -23.68 33.71
N ASP A 214 19.27 -23.56 32.73
CA ASP A 214 19.27 -22.39 31.85
C ASP A 214 19.66 -22.83 30.45
N ALA A 215 19.37 -21.97 29.47
CA ALA A 215 19.63 -22.31 28.08
C ALA A 215 19.85 -21.06 27.25
N LEU A 216 20.72 -21.18 26.24
CA LEU A 216 20.92 -20.15 25.23
C LEU A 216 20.74 -20.77 23.86
N ALA A 217 19.82 -20.22 23.07
CA ALA A 217 19.53 -20.70 21.73
C ALA A 217 19.96 -19.66 20.71
N LEU A 218 20.71 -20.08 19.71
CA LEU A 218 21.22 -19.20 18.67
C LEU A 218 20.61 -19.53 17.33
N ILE A 219 20.29 -18.50 16.54
CA ILE A 219 19.92 -18.67 15.15
C ILE A 219 21.17 -18.46 14.30
N ILE A 220 21.42 -19.39 13.38
CA ILE A 220 22.65 -19.37 12.59
C ILE A 220 22.31 -19.52 11.11
N PRO A 221 22.78 -18.61 10.25
CA PRO A 221 22.50 -18.74 8.82
C PRO A 221 23.42 -19.75 8.14
N ILE A 222 22.83 -20.56 7.25
CA ILE A 222 23.59 -21.51 6.45
C ILE A 222 23.45 -21.24 4.97
N GLY A 223 22.85 -20.12 4.59
CA GLY A 223 22.76 -19.70 3.21
C GLY A 223 21.35 -19.84 2.65
N THR A 224 21.08 -19.08 1.60
CA THR A 224 19.82 -19.09 0.85
C THR A 224 18.60 -19.13 1.76
N GLY A 225 18.59 -18.33 2.81
CA GLY A 225 17.45 -18.22 3.70
C GLY A 225 17.29 -19.36 4.68
N LEU A 226 18.11 -20.41 4.57
CA LEU A 226 18.04 -21.51 5.51
C LEU A 226 18.84 -21.20 6.77
N HIS A 227 18.41 -21.76 7.88
CA HIS A 227 19.03 -21.45 9.16
C HIS A 227 19.23 -22.70 10.00
N ARG A 228 20.34 -22.73 10.73
CA ARG A 228 20.64 -23.77 11.69
C ARG A 228 20.56 -23.19 13.11
N ARG A 229 20.12 -24.02 14.05
CA ARG A 229 19.99 -23.62 15.44
C ARG A 229 21.00 -24.36 16.30
N MET A 230 21.63 -23.66 17.24
CA MET A 230 22.55 -24.28 18.18
C MET A 230 22.15 -23.89 19.60
N VAL A 231 21.97 -24.89 20.45
CA VAL A 231 21.43 -24.72 21.79
C VAL A 231 22.51 -25.06 22.80
N TYR A 232 22.82 -24.13 23.69
CA TYR A 232 23.72 -24.36 24.81
C TYR A 232 22.86 -24.45 26.07
N VAL A 233 22.98 -25.57 26.78
CA VAL A 233 22.08 -25.89 27.88
C VAL A 233 22.87 -26.10 29.16
N GLU A 234 22.42 -25.45 30.23
CA GLU A 234 22.92 -25.69 31.59
C GLU A 234 21.94 -26.61 32.29
N LEU A 235 22.37 -27.83 32.60
CA LEU A 235 21.47 -28.86 33.09
C LEU A 235 21.20 -28.70 34.59
N GLU A 236 20.10 -29.31 35.02
CA GLU A 236 19.71 -29.32 36.42
C GLU A 236 20.53 -30.35 37.19
N GLU A 237 20.41 -30.29 38.52
CA GLU A 237 21.11 -31.22 39.40
C GLU A 237 20.66 -32.65 39.16
N GLY A 238 21.55 -33.44 38.56
CA GLY A 238 21.40 -34.88 38.36
C GLY A 238 20.65 -35.28 37.12
N ALA A 239 20.35 -34.34 36.23
CA ALA A 239 19.73 -34.72 34.97
C ALA A 239 20.84 -35.11 33.99
N ASP A 240 20.53 -36.04 33.11
CA ASP A 240 21.48 -36.54 32.14
C ASP A 240 21.31 -35.83 30.80
N PHE A 241 22.44 -35.57 30.14
CA PHE A 241 22.44 -34.84 28.88
C PHE A 241 21.72 -35.61 27.77
N ALA A 242 21.92 -36.93 27.70
CA ALA A 242 21.42 -37.70 26.55
C ALA A 242 19.92 -37.60 26.39
N THR A 243 19.17 -37.60 27.49
CA THR A 243 17.70 -37.52 27.37
C THR A 243 17.25 -36.09 27.06
N VAL A 244 17.77 -35.11 27.80
CA VAL A 244 17.37 -33.72 27.57
C VAL A 244 17.75 -33.28 26.16
N LYS A 245 18.83 -33.85 25.61
CA LYS A 245 19.13 -33.61 24.20
C LYS A 245 18.01 -34.10 23.30
N GLU A 246 17.40 -35.25 23.64
CA GLU A 246 16.34 -35.83 22.81
C GLU A 246 14.97 -35.21 23.07
N ARG A 247 14.84 -34.31 24.04
CA ARG A 247 13.58 -33.63 24.27
C ARG A 247 13.58 -32.25 23.65
N ILE A 248 14.78 -31.70 23.43
CA ILE A 248 14.94 -30.48 22.68
C ILE A 248 14.93 -30.77 21.19
N LEU A 249 15.61 -31.86 20.79
CA LEU A 249 15.68 -32.24 19.38
C LEU A 249 14.36 -32.75 18.84
N GLN A 250 13.45 -33.18 19.70
CA GLN A 250 12.10 -33.58 19.29
C GLN A 250 11.04 -32.57 19.73
N ASP A 251 11.46 -31.44 20.28
CA ASP A 251 10.52 -30.35 20.54
C ASP A 251 10.02 -29.77 19.21
N PRO A 252 8.74 -29.37 19.14
CA PRO A 252 8.17 -28.93 17.85
C PRO A 252 8.97 -27.83 17.16
N LEU A 253 9.76 -27.08 17.93
CA LEU A 253 10.53 -25.99 17.35
C LEU A 253 11.80 -26.46 16.65
N PHE A 254 12.32 -27.66 16.96
CA PHE A 254 13.62 -28.09 16.44
C PHE A 254 13.58 -29.46 15.79
N VAL A 255 12.44 -29.90 15.26
CA VAL A 255 12.37 -31.23 14.66
C VAL A 255 12.71 -31.19 13.19
N HIS A 256 12.13 -30.24 12.46
CA HIS A 256 12.34 -30.09 11.03
C HIS A 256 13.50 -29.15 10.71
N ASP A 257 14.16 -28.59 11.72
CA ASP A 257 15.31 -27.73 11.57
C ASP A 257 16.54 -28.43 12.12
N GLU A 258 17.67 -28.31 11.41
CA GLU A 258 18.93 -28.84 11.90
C GLU A 258 19.30 -28.18 13.22
N THR A 259 19.51 -28.98 14.25
CA THR A 259 19.70 -28.47 15.60
C THR A 259 20.87 -29.18 16.28
N HIS A 260 21.79 -28.41 16.84
CA HIS A 260 22.89 -28.92 17.63
C HIS A 260 22.70 -28.51 19.08
N VAL A 261 22.99 -29.43 20.01
CA VAL A 261 22.85 -29.17 21.44
C VAL A 261 24.19 -29.45 22.11
N LEU A 262 24.60 -28.53 22.99
CA LEU A 262 25.84 -28.66 23.74
C LEU A 262 25.58 -28.31 25.20
N GLN A 263 26.21 -29.03 26.11
CA GLN A 263 26.11 -28.71 27.53
C GLN A 263 27.27 -27.81 27.93
N VAL A 264 26.98 -26.76 28.69
CA VAL A 264 27.97 -25.79 29.12
C VAL A 264 27.80 -25.53 30.60
N ASP A 265 28.87 -25.02 31.22
CA ASP A 265 28.85 -24.73 32.65
C ASP A 265 28.04 -23.48 32.98
N ASP A 266 28.22 -22.41 32.20
CA ASP A 266 27.57 -21.13 32.48
C ASP A 266 27.09 -20.53 31.17
N VAL A 267 25.78 -20.58 30.92
CA VAL A 267 25.23 -20.02 29.70
C VAL A 267 25.30 -18.49 29.72
N LYS A 268 25.26 -17.88 30.91
CA LYS A 268 25.32 -16.43 30.99
C LYS A 268 26.65 -15.91 30.45
N GLN A 269 27.71 -16.73 30.55
CA GLN A 269 29.02 -16.38 30.00
C GLN A 269 29.04 -16.34 28.48
N LEU A 270 28.00 -16.84 27.82
CA LEU A 270 27.97 -16.93 26.36
C LEU A 270 27.09 -15.86 25.73
N ILE A 271 26.41 -15.05 26.54
CA ILE A 271 25.37 -14.16 26.03
C ILE A 271 25.99 -12.89 25.46
N ASP A 272 25.60 -12.57 24.23
CA ASP A 272 25.87 -11.28 23.62
C ASP A 272 24.68 -10.91 22.75
N ARG A 273 24.23 -9.66 22.86
CA ARG A 273 23.02 -9.21 22.19
C ARG A 273 23.30 -8.53 20.85
N GLY A 274 24.45 -8.80 20.26
CA GLY A 274 24.70 -8.42 18.89
C GLY A 274 24.20 -9.46 17.90
N ILE A 275 23.92 -9.01 16.69
CA ILE A 275 23.40 -9.89 15.64
C ILE A 275 23.77 -9.32 14.29
N ALA A 276 23.69 -10.17 13.26
CA ALA A 276 23.93 -9.78 11.88
C ALA A 276 22.74 -10.16 11.02
N VAL A 277 22.47 -9.35 10.00
CA VAL A 277 21.46 -9.64 8.99
C VAL A 277 22.06 -9.38 7.62
N ARG A 278 22.02 -10.38 6.75
CA ARG A 278 22.52 -10.27 5.38
C ARG A 278 21.41 -10.65 4.42
N MET A 279 21.08 -9.73 3.51
CA MET A 279 20.02 -9.91 2.53
C MET A 279 20.62 -9.86 1.12
N GLU A 280 20.25 -10.83 0.29
CA GLU A 280 20.70 -10.89 -1.09
C GLU A 280 19.49 -10.92 -2.02
N ARG A 281 19.58 -10.21 -3.14
CA ARG A 281 18.61 -10.39 -4.22
C ARG A 281 19.33 -10.36 -5.55
N LYS A 282 19.06 -11.36 -6.39
CA LYS A 282 19.46 -11.39 -7.79
C LYS A 282 18.19 -11.39 -8.61
N GLY A 283 18.01 -10.37 -9.44
CA GLY A 283 16.72 -10.23 -10.08
C GLY A 283 16.77 -9.51 -11.42
N VAL A 284 15.58 -9.28 -11.97
CA VAL A 284 15.40 -8.70 -13.29
C VAL A 284 14.81 -7.30 -13.13
N SER A 285 15.53 -6.30 -13.63
CA SER A 285 15.02 -4.93 -13.68
C SER A 285 14.47 -4.69 -15.08
N GLY A 286 13.14 -4.67 -15.18
CA GLY A 286 12.50 -4.58 -16.48
C GLY A 286 12.59 -5.90 -17.19
N GLN A 287 13.58 -6.03 -18.08
CA GLN A 287 13.87 -7.29 -18.74
C GLN A 287 15.35 -7.66 -18.66
N THR A 288 16.16 -6.87 -17.96
CA THR A 288 17.59 -7.11 -17.86
C THR A 288 17.88 -8.01 -16.66
N GLN A 289 18.47 -9.17 -16.92
CA GLN A 289 18.74 -10.16 -15.89
C GLN A 289 19.93 -9.75 -15.03
N ASN A 290 20.11 -10.48 -13.93
CA ASN A 290 21.36 -10.49 -13.16
C ASN A 290 21.63 -9.14 -12.49
N GLN A 291 20.58 -8.50 -11.98
CA GLN A 291 20.78 -7.34 -11.12
C GLN A 291 21.05 -7.81 -9.70
N LEU A 292 22.13 -7.31 -9.10
CA LEU A 292 22.68 -7.85 -7.87
C LEU A 292 22.55 -6.83 -6.75
N PHE A 293 22.00 -7.26 -5.63
CA PHE A 293 21.78 -6.39 -4.48
C PHE A 293 22.20 -7.10 -3.21
N THR A 294 22.91 -6.40 -2.35
CA THR A 294 23.35 -6.95 -1.06
C THR A 294 23.18 -5.90 0.01
N TYR A 295 22.58 -6.30 1.13
CA TYR A 295 22.42 -5.43 2.29
C TYR A 295 22.89 -6.18 3.54
N GLU A 296 23.68 -5.50 4.36
CA GLU A 296 24.28 -6.12 5.54
C GLU A 296 24.31 -5.12 6.69
N MET A 297 24.03 -5.61 7.90
CA MET A 297 24.16 -4.80 9.10
C MET A 297 24.67 -5.66 10.24
N ARG A 298 25.58 -5.09 11.04
CA ARG A 298 26.11 -5.72 12.24
C ARG A 298 25.90 -4.72 13.37
N ILE A 299 24.94 -5.03 14.24
CA ILE A 299 24.37 -4.04 15.15
C ILE A 299 24.05 -4.67 16.50
N ASN A 300 23.94 -3.81 17.50
CA ASN A 300 23.35 -4.18 18.78
C ASN A 300 21.85 -4.34 18.60
N ASN A 301 21.34 -5.57 18.80
CA ASN A 301 19.95 -5.86 18.47
C ASN A 301 18.96 -4.99 19.24
N PRO A 302 18.92 -4.99 20.57
CA PRO A 302 17.94 -4.11 21.26
C PRO A 302 18.20 -2.63 21.04
N ALA A 303 19.46 -2.20 20.99
CA ALA A 303 19.77 -0.80 20.74
C ALA A 303 19.17 -0.32 19.42
N LEU A 304 19.35 -1.11 18.36
CA LEU A 304 18.80 -0.74 17.06
C LEU A 304 17.29 -0.81 17.06
N THR A 305 16.74 -1.91 17.58
CA THR A 305 15.28 -2.07 17.59
C THR A 305 14.59 -0.95 18.35
N SER A 306 15.13 -0.56 19.50
CA SER A 306 14.55 0.53 20.27
C SER A 306 14.66 1.85 19.52
N GLN A 307 15.76 2.05 18.80
CA GLN A 307 15.92 3.27 18.02
C GLN A 307 14.90 3.36 16.91
N VAL A 308 14.64 2.24 16.23
CA VAL A 308 13.62 2.22 15.18
C VAL A 308 12.25 2.52 15.76
N MET A 309 11.96 1.96 16.95
CA MET A 309 10.67 2.21 17.60
C MET A 309 10.53 3.69 17.97
N ILE A 310 11.64 4.32 18.39
CA ILE A 310 11.60 5.75 18.71
C ILE A 310 11.41 6.57 17.44
N ALA A 311 12.10 6.20 16.37
CA ALA A 311 11.90 6.88 15.09
C ALA A 311 10.48 6.70 14.60
N SER A 312 9.91 5.51 14.82
CA SER A 312 8.51 5.27 14.44
C SER A 312 7.55 6.09 15.29
N ALA A 313 7.87 6.30 16.57
CA ALA A 313 7.06 7.17 17.41
C ALA A 313 6.97 8.57 16.82
N ARG A 314 8.09 9.07 16.29
CA ARG A 314 8.07 10.34 15.58
C ARG A 314 7.13 10.28 14.37
N ALA A 315 7.18 9.17 13.62
CA ALA A 315 6.32 9.03 12.45
C ALA A 315 4.86 8.90 12.84
N ALA A 316 4.57 8.26 13.98
CA ALA A 316 3.18 8.07 14.40
C ALA A 316 2.47 9.40 14.58
N MET A 317 3.19 10.43 15.07
CA MET A 317 2.61 11.75 15.26
C MET A 317 2.25 12.44 13.96
N ARG A 318 2.64 11.90 12.81
CA ARG A 318 2.41 12.53 11.51
C ARG A 318 1.44 11.77 10.63
N GLN A 319 0.77 10.76 11.14
CA GLN A 319 -0.10 9.93 10.33
C GLN A 319 -1.57 10.21 10.61
N LYS A 320 -2.41 9.84 9.65
CA LYS A 320 -3.84 9.80 9.88
C LYS A 320 -4.12 8.63 10.80
N PRO A 321 -5.24 8.64 11.52
CA PRO A 321 -5.56 7.51 12.39
C PRO A 321 -5.55 6.20 11.63
N GLY A 322 -5.06 5.15 12.30
CA GLY A 322 -4.97 3.83 11.69
C GLY A 322 -3.74 3.04 12.10
N ALA A 323 -3.59 1.83 11.57
CA ALA A 323 -2.45 0.97 11.84
C ALA A 323 -1.59 0.83 10.60
N TYR A 324 -0.26 0.91 10.78
CA TYR A 324 0.68 0.88 9.67
C TYR A 324 1.85 -0.04 9.99
N THR A 325 2.25 -0.82 8.99
CA THR A 325 3.60 -1.36 9.00
C THR A 325 4.57 -0.31 8.47
N MET A 326 5.86 -0.60 8.54
CA MET A 326 6.86 0.42 8.20
C MET A 326 6.92 0.70 6.70
N ILE A 327 6.35 -0.17 5.85
CA ILE A 327 6.37 0.05 4.41
C ILE A 327 5.15 0.85 3.99
N GLU A 328 4.37 1.34 4.95
CA GLU A 328 3.19 2.14 4.65
C GLU A 328 3.37 3.60 5.07
N ILE A 329 4.58 4.03 5.38
CA ILE A 329 4.83 5.38 5.86
C ILE A 329 5.97 6.01 5.06
N PRO A 330 5.83 7.25 4.60
CA PRO A 330 6.95 7.91 3.92
C PRO A 330 8.18 7.93 4.81
N ILE A 331 9.33 7.58 4.22
CA ILE A 331 10.58 7.48 4.97
C ILE A 331 10.89 8.79 5.68
N ILE A 332 10.54 9.92 5.05
CA ILE A 332 10.85 11.23 5.64
C ILE A 332 10.12 11.42 6.96
N ASP A 333 8.99 10.74 7.17
CA ASP A 333 8.24 10.89 8.41
C ASP A 333 8.99 10.33 9.62
N PHE A 334 9.94 9.42 9.41
CA PHE A 334 10.73 8.89 10.52
C PHE A 334 11.88 9.80 10.90
N LEU A 335 12.17 10.84 10.12
CA LEU A 335 13.35 11.67 10.31
C LEU A 335 12.96 12.98 10.98
N TYR A 336 13.84 13.48 11.84
CA TYR A 336 13.67 14.78 12.46
C TYR A 336 14.32 15.85 11.59
N GLY A 337 13.65 16.99 11.45
CA GLY A 337 14.21 18.13 10.76
C GLY A 337 13.26 18.71 9.73
N ASP A 338 13.68 19.84 9.18
CA ASP A 338 12.93 20.51 8.13
C ASP A 338 12.90 19.66 6.87
N ARG A 339 11.71 19.58 6.25
CA ARG A 339 11.52 18.73 5.07
C ARG A 339 12.50 19.08 3.96
N ASP A 340 12.61 20.36 3.62
CA ASP A 340 13.49 20.77 2.53
C ASP A 340 14.96 20.50 2.87
N GLU A 341 15.35 20.72 4.13
CA GLU A 341 16.74 20.46 4.51
C GLU A 341 17.07 18.98 4.48
N LEU A 342 16.11 18.12 4.84
CA LEU A 342 16.32 16.69 4.73
C LEU A 342 16.47 16.25 3.28
N ILE A 343 15.64 16.80 2.39
CA ILE A 343 15.73 16.46 0.98
C ILE A 343 17.07 16.91 0.41
N ARG A 344 17.51 18.10 0.80
CA ARG A 344 18.81 18.60 0.36
C ARG A 344 19.95 17.73 0.88
N ARG A 345 19.82 17.18 2.08
CA ARG A 345 20.91 16.41 2.67
C ARG A 345 20.95 14.97 2.18
N LEU A 346 19.81 14.40 1.81
CA LEU A 346 19.69 12.97 1.61
C LEU A 346 19.31 12.54 0.21
N VAL A 347 18.56 13.36 -0.53
CA VAL A 347 18.09 12.95 -1.84
C VAL A 347 19.15 13.22 -2.89
N SER B 42 -32.79 34.46 10.36
CA SER B 42 -31.46 33.95 10.11
C SER B 42 -31.11 34.06 8.62
N GLU B 43 -30.37 35.10 8.26
CA GLU B 43 -29.95 35.31 6.88
C GLU B 43 -28.59 34.68 6.58
N ILE B 44 -28.15 33.74 7.40
CA ILE B 44 -26.90 33.02 7.14
C ILE B 44 -27.10 32.12 5.92
N ARG B 45 -26.22 32.26 4.94
CA ARG B 45 -26.28 31.39 3.76
C ARG B 45 -26.19 29.92 4.17
N THR B 46 -27.05 29.11 3.57
CA THR B 46 -27.02 27.68 3.80
C THR B 46 -25.99 27.02 2.89
N GLU B 47 -25.55 25.83 3.30
CA GLU B 47 -24.49 25.14 2.59
C GLU B 47 -24.97 24.75 1.18
N ARG B 48 -24.00 24.37 0.33
CA ARG B 48 -24.30 24.10 -1.06
C ARG B 48 -24.73 22.65 -1.25
N PRO B 49 -25.72 22.40 -2.10
CA PRO B 49 -26.23 21.03 -2.25
C PRO B 49 -25.15 20.09 -2.77
N ILE B 50 -25.31 18.81 -2.45
CA ILE B 50 -24.38 17.78 -2.91
C ILE B 50 -24.61 17.54 -4.40
N ARG B 51 -23.53 17.59 -5.17
CA ARG B 51 -23.61 17.33 -6.61
C ARG B 51 -23.37 15.85 -6.85
N VAL B 52 -24.39 15.16 -7.35
CA VAL B 52 -24.39 13.71 -7.49
C VAL B 52 -24.42 13.36 -8.97
N ALA B 53 -23.54 12.45 -9.37
CA ALA B 53 -23.54 11.88 -10.71
C ALA B 53 -24.04 10.45 -10.64
N ILE B 54 -24.84 10.05 -11.63
CA ILE B 54 -25.38 8.70 -11.72
C ILE B 54 -24.56 7.94 -12.76
N ILE B 55 -23.93 6.86 -12.34
CA ILE B 55 -23.06 6.06 -13.20
C ILE B 55 -23.87 4.84 -13.65
N GLY B 56 -24.24 4.81 -14.93
CA GLY B 56 -25.00 3.70 -15.45
C GLY B 56 -26.49 3.90 -15.34
N TYR B 57 -27.18 3.93 -16.47
CA TYR B 57 -28.60 4.23 -16.52
C TYR B 57 -29.38 2.97 -16.86
N GLY B 58 -29.45 2.08 -15.87
CA GLY B 58 -30.27 0.89 -15.93
C GLY B 58 -31.56 1.06 -15.15
N ASN B 59 -32.05 -0.05 -14.59
CA ASN B 59 -33.23 0.03 -13.73
C ASN B 59 -32.97 0.87 -12.49
N ILE B 60 -31.86 0.59 -11.80
CA ILE B 60 -31.51 1.36 -10.61
C ILE B 60 -31.26 2.81 -10.96
N GLY B 61 -30.60 3.06 -12.09
CA GLY B 61 -30.27 4.43 -12.48
C GLY B 61 -31.50 5.27 -12.76
N GLN B 62 -32.53 4.69 -13.37
CA GLN B 62 -33.75 5.45 -13.63
C GLN B 62 -34.42 5.88 -12.33
N TYR B 63 -34.47 4.99 -11.33
CA TYR B 63 -35.05 5.35 -10.05
C TYR B 63 -34.13 6.28 -9.26
N ALA B 64 -32.81 6.07 -9.37
CA ALA B 64 -31.86 6.95 -8.69
C ALA B 64 -32.03 8.39 -9.13
N LEU B 65 -32.35 8.61 -10.40
CA LEU B 65 -32.62 9.96 -10.90
C LEU B 65 -33.71 10.64 -10.08
N GLN B 66 -34.80 9.91 -9.82
CA GLN B 66 -35.90 10.48 -9.06
C GLN B 66 -35.50 10.74 -7.61
N ALA B 67 -34.70 9.84 -7.03
CA ALA B 67 -34.27 10.03 -5.64
C ALA B 67 -33.41 11.28 -5.49
N VAL B 68 -32.51 11.53 -6.43
CA VAL B 68 -31.67 12.73 -6.38
C VAL B 68 -32.53 13.98 -6.52
N GLU B 69 -33.49 13.97 -7.44
CA GLU B 69 -34.33 15.14 -7.64
C GLU B 69 -35.10 15.49 -6.38
N GLU B 70 -35.68 14.49 -5.71
CA GLU B 70 -36.45 14.75 -4.50
C GLU B 70 -35.56 15.10 -3.31
N ALA B 71 -34.31 14.68 -3.32
CA ALA B 71 -33.39 15.03 -2.24
C ALA B 71 -33.22 16.53 -2.17
N PRO B 72 -33.60 17.19 -1.07
CA PRO B 72 -33.47 18.65 -0.98
C PRO B 72 -32.04 19.12 -0.81
N ASP B 73 -31.12 18.23 -0.44
CA ASP B 73 -29.72 18.56 -0.25
C ASP B 73 -28.84 18.10 -1.40
N MET B 74 -29.44 17.70 -2.53
CA MET B 74 -28.69 17.19 -3.66
C MET B 74 -29.24 17.78 -4.95
N GLU B 75 -28.35 18.00 -5.91
CA GLU B 75 -28.72 18.37 -7.26
C GLU B 75 -27.98 17.44 -8.23
N LEU B 76 -28.61 17.14 -9.36
CA LEU B 76 -28.07 16.17 -10.30
C LEU B 76 -26.93 16.80 -11.09
N ALA B 77 -25.74 16.19 -10.99
CA ALA B 77 -24.61 16.63 -11.81
C ALA B 77 -24.75 16.14 -13.24
N GLY B 78 -25.27 14.94 -13.43
CA GLY B 78 -25.38 14.35 -14.75
C GLY B 78 -25.39 12.85 -14.67
N VAL B 79 -25.48 12.23 -15.84
CA VAL B 79 -25.52 10.78 -15.97
C VAL B 79 -24.35 10.34 -16.85
N VAL B 80 -23.61 9.35 -16.39
CA VAL B 80 -22.47 8.80 -17.12
C VAL B 80 -22.90 7.44 -17.68
N ARG B 81 -22.77 7.27 -18.99
CA ARG B 81 -23.13 6.04 -19.67
C ARG B 81 -21.97 5.57 -20.53
N ARG B 82 -22.06 4.32 -20.98
CA ARG B 82 -21.14 3.82 -21.99
C ARG B 82 -21.31 4.59 -23.29
N GLN B 83 -20.23 4.66 -24.07
CA GLN B 83 -20.30 5.34 -25.36
C GLN B 83 -21.32 4.66 -26.28
N SER B 84 -21.42 3.33 -26.19
CA SER B 84 -22.42 2.62 -26.98
C SER B 84 -23.83 3.11 -26.67
N SER B 85 -24.13 3.35 -25.40
CA SER B 85 -25.45 3.82 -25.02
C SER B 85 -25.68 5.30 -25.30
N LEU B 86 -24.61 6.08 -25.49
CA LEU B 86 -24.78 7.50 -25.71
C LEU B 86 -25.36 7.82 -27.09
N GLU B 87 -25.23 6.90 -28.04
CA GLU B 87 -25.72 7.11 -29.39
C GLU B 87 -27.09 6.48 -29.65
N LYS B 88 -27.65 5.75 -28.68
CA LYS B 88 -29.05 5.37 -28.77
C LYS B 88 -29.90 6.62 -28.53
N PRO B 89 -31.17 6.59 -28.96
CA PRO B 89 -32.01 7.79 -28.80
C PRO B 89 -32.07 8.24 -27.35
N LEU B 90 -32.12 9.55 -27.17
CA LEU B 90 -32.08 10.13 -25.84
C LEU B 90 -33.37 9.81 -25.09
N PRO B 91 -33.30 9.17 -23.93
CA PRO B 91 -34.53 8.91 -23.16
C PRO B 91 -35.25 10.20 -22.80
N ARG B 92 -36.58 10.10 -22.76
CA ARG B 92 -37.40 11.31 -22.67
C ARG B 92 -37.22 12.04 -21.35
N GLU B 93 -36.91 11.32 -20.26
CA GLU B 93 -36.73 11.97 -18.96
C GLU B 93 -35.34 12.59 -18.79
N LEU B 94 -34.39 12.31 -19.67
CA LEU B 94 -33.06 12.89 -19.58
C LEU B 94 -32.91 14.16 -20.42
N HIS B 95 -34.01 14.70 -20.93
CA HIS B 95 -33.96 15.96 -21.65
C HIS B 95 -33.52 17.08 -20.70
N GLY B 96 -32.52 17.84 -21.12
CA GLY B 96 -31.95 18.86 -20.27
C GLY B 96 -30.98 18.35 -19.23
N VAL B 97 -30.61 17.06 -19.30
CA VAL B 97 -29.69 16.45 -18.36
C VAL B 97 -28.39 16.13 -19.11
N SER B 98 -27.26 16.52 -18.51
CA SER B 98 -25.96 16.22 -19.09
C SER B 98 -25.74 14.72 -19.06
N VAL B 99 -25.75 14.09 -20.24
CA VAL B 99 -25.51 12.66 -20.37
C VAL B 99 -24.20 12.51 -21.14
N VAL B 100 -23.17 12.04 -20.45
CA VAL B 100 -21.81 12.02 -20.98
C VAL B 100 -21.23 10.62 -20.80
N SER B 101 -19.98 10.46 -21.24
CA SER B 101 -19.29 9.18 -21.18
C SER B 101 -18.27 9.10 -20.04
N ASP B 102 -17.95 10.22 -19.40
CA ASP B 102 -17.01 10.22 -18.29
C ASP B 102 -17.41 11.32 -17.31
N VAL B 103 -17.18 11.06 -16.03
CA VAL B 103 -17.60 11.98 -14.97
C VAL B 103 -16.91 13.33 -15.07
N SER B 104 -15.76 13.40 -15.74
CA SER B 104 -15.02 14.67 -15.82
C SER B 104 -15.79 15.76 -16.56
N ALA B 105 -16.74 15.38 -17.42
CA ALA B 105 -17.51 16.35 -18.18
C ALA B 105 -18.70 16.93 -17.41
N LEU B 106 -18.88 16.56 -16.14
CA LEU B 106 -20.02 17.00 -15.36
C LEU B 106 -19.68 18.12 -14.39
N GLY B 107 -18.49 18.70 -14.49
CA GLY B 107 -18.12 19.72 -13.53
C GLY B 107 -17.81 19.10 -12.18
N GLN B 108 -18.12 19.86 -11.12
CA GLN B 108 -17.89 19.36 -9.77
C GLN B 108 -18.83 18.20 -9.47
N VAL B 109 -18.26 17.08 -9.03
CA VAL B 109 -19.01 15.89 -8.67
C VAL B 109 -18.56 15.50 -7.27
N ASP B 110 -19.48 15.62 -6.30
CA ASP B 110 -19.16 15.23 -4.93
C ASP B 110 -19.28 13.72 -4.74
N VAL B 111 -20.39 13.14 -5.19
CA VAL B 111 -20.68 11.73 -4.99
C VAL B 111 -21.07 11.11 -6.33
N ALA B 112 -20.57 9.91 -6.59
CA ALA B 112 -20.97 9.12 -7.74
C ALA B 112 -21.76 7.90 -7.24
N VAL B 113 -22.98 7.75 -7.76
CA VAL B 113 -23.85 6.64 -7.38
C VAL B 113 -23.76 5.57 -8.46
N LEU B 114 -23.23 4.41 -8.09
CA LEU B 114 -22.86 3.37 -9.06
C LEU B 114 -24.06 2.45 -9.29
N CYS B 115 -24.70 2.60 -10.45
CA CYS B 115 -25.82 1.73 -10.82
C CYS B 115 -25.40 0.79 -11.94
N THR B 116 -24.23 0.19 -11.79
CA THR B 116 -23.59 -0.66 -12.79
C THR B 116 -23.68 -2.12 -12.41
N PRO B 117 -23.43 -3.04 -13.35
CA PRO B 117 -23.50 -4.47 -13.01
C PRO B 117 -22.50 -4.84 -11.93
N THR B 118 -22.85 -5.88 -11.17
CA THR B 118 -22.10 -6.24 -9.97
C THR B 118 -20.62 -6.44 -10.25
N TYR B 119 -20.29 -7.27 -11.26
CA TYR B 119 -18.90 -7.60 -11.52
C TYR B 119 -18.11 -6.42 -12.05
N GLU B 120 -18.78 -5.46 -12.67
CA GLU B 120 -18.12 -4.25 -13.17
C GLU B 120 -17.96 -3.18 -12.11
N THR B 121 -18.64 -3.30 -10.96
CA THR B 121 -18.84 -2.18 -10.05
C THR B 121 -17.61 -1.84 -9.19
N PRO B 122 -16.95 -2.82 -8.57
CA PRO B 122 -15.76 -2.46 -7.76
C PRO B 122 -14.68 -1.75 -8.54
N ALA B 123 -14.40 -2.19 -9.78
CA ALA B 123 -13.38 -1.54 -10.59
C ALA B 123 -13.78 -0.11 -10.93
N ILE B 124 -15.05 0.11 -11.28
CA ILE B 124 -15.54 1.45 -11.52
C ILE B 124 -15.39 2.31 -10.27
N ALA B 125 -15.67 1.73 -9.10
CA ALA B 125 -15.57 2.47 -7.84
C ALA B 125 -14.14 2.93 -7.59
N LYS B 126 -13.17 2.02 -7.67
CA LYS B 126 -11.77 2.39 -7.46
C LYS B 126 -11.36 3.51 -8.42
N GLU B 127 -11.87 3.49 -9.65
CA GLU B 127 -11.52 4.56 -10.58
C GLU B 127 -11.96 5.91 -10.04
N LEU B 128 -13.18 5.98 -9.51
CA LEU B 128 -13.75 7.24 -9.07
C LEU B 128 -13.23 7.67 -7.71
N LEU B 129 -12.98 6.71 -6.82
CA LEU B 129 -12.34 7.02 -5.54
C LEU B 129 -10.98 7.67 -5.75
N ALA B 130 -10.20 7.17 -6.71
CA ALA B 130 -8.86 7.71 -6.95
C ALA B 130 -8.91 9.16 -7.39
N ARG B 131 -10.01 9.60 -7.99
CA ARG B 131 -10.20 11.01 -8.30
C ARG B 131 -10.70 11.81 -7.12
N GLY B 132 -10.81 11.20 -5.94
CA GLY B 132 -11.34 11.90 -4.79
C GLY B 132 -12.85 12.03 -4.73
N ILE B 133 -13.56 11.25 -5.54
CA ILE B 133 -15.03 11.29 -5.59
C ILE B 133 -15.57 10.17 -4.71
N HIS B 134 -16.53 10.50 -3.84
CA HIS B 134 -17.21 9.50 -3.05
C HIS B 134 -18.06 8.60 -3.95
N THR B 135 -18.19 7.33 -3.57
CA THR B 135 -18.91 6.35 -4.35
C THR B 135 -19.90 5.58 -3.49
N ILE B 136 -21.10 5.39 -4.02
CA ILE B 136 -22.13 4.54 -3.41
C ILE B 136 -22.42 3.39 -4.37
N ASP B 137 -22.54 2.19 -3.83
CA ASP B 137 -22.90 1.02 -4.63
C ASP B 137 -23.77 0.08 -3.81
N SER B 138 -24.46 -0.83 -4.51
CA SER B 138 -25.27 -1.87 -3.90
C SER B 138 -24.74 -3.25 -4.26
N PHE B 139 -23.41 -3.37 -4.32
CA PHE B 139 -22.75 -4.66 -4.54
C PHE B 139 -23.34 -5.74 -3.65
N ASP B 140 -23.73 -6.86 -4.26
CA ASP B 140 -24.59 -7.84 -3.59
C ASP B 140 -24.01 -9.25 -3.56
N ILE B 141 -22.70 -9.41 -3.72
CA ILE B 141 -22.06 -10.70 -3.58
C ILE B 141 -21.56 -10.79 -2.14
N HIS B 142 -22.34 -11.47 -1.28
CA HIS B 142 -22.04 -11.48 0.16
C HIS B 142 -20.65 -12.03 0.44
N GLN B 143 -20.26 -13.09 -0.28
CA GLN B 143 -19.00 -13.76 -0.01
C GLN B 143 -17.77 -12.90 -0.33
N GLU B 144 -17.93 -11.84 -1.13
CA GLU B 144 -16.82 -10.98 -1.51
C GLU B 144 -16.86 -9.61 -0.86
N ILE B 145 -17.82 -9.34 0.03
CA ILE B 145 -17.97 -7.99 0.57
C ILE B 145 -16.77 -7.62 1.43
N VAL B 146 -16.34 -8.54 2.30
CA VAL B 146 -15.17 -8.28 3.16
C VAL B 146 -13.95 -7.91 2.30
N GLN B 147 -13.68 -8.70 1.26
CA GLN B 147 -12.51 -8.45 0.43
C GLN B 147 -12.66 -7.13 -0.34
N VAL B 148 -13.81 -6.91 -0.96
CA VAL B 148 -14.03 -5.68 -1.73
C VAL B 148 -13.96 -4.46 -0.81
N ARG B 149 -14.48 -4.59 0.41
CA ARG B 149 -14.42 -3.49 1.37
C ARG B 149 -12.98 -3.07 1.66
N HIS B 150 -12.09 -4.05 1.89
CA HIS B 150 -10.69 -3.73 2.13
C HIS B 150 -10.06 -3.04 0.93
N GLU B 151 -10.36 -3.53 -0.28
CA GLU B 151 -9.76 -2.95 -1.48
C GLU B 151 -10.25 -1.53 -1.71
N LEU B 152 -11.55 -1.28 -1.52
CA LEU B 152 -12.05 0.08 -1.64
C LEU B 152 -11.51 0.97 -0.52
N ASP B 153 -11.29 0.39 0.66
CA ASP B 153 -10.80 1.16 1.80
C ASP B 153 -9.45 1.81 1.52
N GLU B 154 -8.52 1.05 0.95
CA GLU B 154 -7.17 1.57 0.75
C GLU B 154 -7.16 2.69 -0.30
N VAL B 155 -7.93 2.55 -1.37
CA VAL B 155 -8.00 3.59 -2.39
C VAL B 155 -8.67 4.84 -1.82
N ALA B 156 -9.75 4.66 -1.07
CA ALA B 156 -10.49 5.80 -0.53
C ALA B 156 -9.62 6.61 0.43
N ARG B 157 -8.90 5.93 1.32
CA ARG B 157 -8.05 6.63 2.27
C ARG B 157 -6.91 7.37 1.59
N ALA B 158 -6.39 6.82 0.48
CA ALA B 158 -5.30 7.48 -0.22
C ALA B 158 -5.71 8.79 -0.88
N HIS B 159 -7.00 8.98 -1.15
CA HIS B 159 -7.44 10.14 -1.93
C HIS B 159 -8.57 10.92 -1.24
N GLN B 160 -8.67 10.83 0.09
CA GLN B 160 -9.64 11.61 0.86
C GLN B 160 -11.07 11.39 0.35
N ALA B 161 -11.42 10.14 0.10
CA ALA B 161 -12.72 9.79 -0.42
C ALA B 161 -13.40 8.78 0.50
N VAL B 162 -14.72 8.70 0.38
CA VAL B 162 -15.54 7.80 1.18
C VAL B 162 -16.27 6.84 0.24
N ALA B 163 -16.17 5.55 0.51
CA ALA B 163 -16.90 4.54 -0.23
C ALA B 163 -17.90 3.85 0.68
N ILE B 164 -19.16 3.81 0.26
CA ILE B 164 -20.18 3.01 0.92
C ILE B 164 -20.61 1.93 -0.05
N LEU B 165 -20.40 0.67 0.33
CA LEU B 165 -20.66 -0.47 -0.52
C LEU B 165 -21.76 -1.34 0.08
N ALA B 166 -22.38 -2.15 -0.78
CA ALA B 166 -23.43 -3.08 -0.38
C ALA B 166 -24.61 -2.36 0.25
N ALA B 167 -24.90 -1.16 -0.24
CA ALA B 167 -25.91 -0.29 0.37
C ALA B 167 -27.18 -0.30 -0.47
N GLY B 168 -27.89 -1.43 -0.41
CA GLY B 168 -29.16 -1.58 -1.10
C GLY B 168 -30.21 -2.02 -0.11
N LEU B 169 -31.09 -2.92 -0.58
CA LEU B 169 -32.10 -3.49 0.31
C LEU B 169 -31.54 -4.71 1.05
N LEU B 170 -30.97 -5.66 0.31
CA LEU B 170 -30.33 -6.83 0.91
C LEU B 170 -29.23 -7.28 -0.04
N PRO B 171 -27.96 -6.99 0.27
CA PRO B 171 -27.45 -6.33 1.49
C PRO B 171 -27.81 -4.86 1.59
N GLY B 172 -27.71 -4.28 2.78
CA GLY B 172 -28.11 -2.90 3.00
C GLY B 172 -28.96 -2.72 4.25
N THR B 173 -30.16 -2.15 4.08
CA THR B 173 -30.99 -1.85 5.25
C THR B 173 -31.45 -3.11 5.96
N CYS B 174 -31.68 -4.20 5.21
CA CYS B 174 -32.02 -5.48 5.86
C CYS B 174 -30.87 -5.98 6.72
N SER B 175 -29.62 -5.73 6.29
CA SER B 175 -28.48 -6.09 7.12
C SER B 175 -28.49 -5.30 8.43
N MET B 176 -28.87 -4.02 8.37
CA MET B 176 -28.92 -3.20 9.57
C MET B 176 -29.97 -3.70 10.55
N ILE B 177 -31.18 -3.96 10.04
CA ILE B 177 -32.24 -4.52 10.87
C ILE B 177 -31.79 -5.85 11.47
N ARG B 178 -31.25 -6.73 10.62
CA ARG B 178 -30.73 -8.01 11.09
C ARG B 178 -29.73 -7.84 12.23
N SER B 179 -28.83 -6.87 12.11
CA SER B 179 -27.80 -6.68 13.12
C SER B 179 -28.39 -6.12 14.42
N ILE B 180 -29.40 -5.27 14.32
CA ILE B 180 -30.04 -4.73 15.52
C ILE B 180 -30.75 -5.83 16.30
N LEU B 181 -31.44 -6.72 15.58
CA LEU B 181 -32.04 -7.88 16.22
C LEU B 181 -30.99 -8.74 16.91
N GLU B 182 -29.79 -8.85 16.33
CA GLU B 182 -28.76 -9.73 16.87
C GLU B 182 -28.38 -9.34 18.29
N PHE B 183 -28.15 -8.05 18.54
CA PHE B 183 -27.70 -7.65 19.86
C PHE B 183 -28.84 -7.42 20.86
N MET B 184 -30.09 -7.29 20.40
CA MET B 184 -31.20 -7.29 21.34
C MET B 184 -31.42 -8.68 21.94
N ALA B 185 -31.08 -9.74 21.18
CA ALA B 185 -31.24 -11.10 21.66
C ALA B 185 -30.09 -11.94 21.10
N PRO B 186 -28.94 -11.94 21.78
CA PRO B 186 -27.74 -12.56 21.19
C PRO B 186 -27.86 -14.06 20.95
N TYR B 187 -28.60 -14.78 21.78
CA TYR B 187 -28.78 -16.22 21.60
C TYR B 187 -30.08 -16.46 20.84
N GLY B 188 -30.03 -17.30 19.82
CA GLY B 188 -31.19 -17.62 19.04
C GLY B 188 -30.86 -17.65 17.56
N ILE B 189 -31.91 -17.64 16.73
CA ILE B 189 -31.79 -17.80 15.29
C ILE B 189 -32.63 -16.73 14.60
N THR B 190 -32.08 -16.17 13.53
CA THR B 190 -32.81 -15.23 12.67
C THR B 190 -33.04 -15.87 11.31
N TYR B 191 -34.27 -15.77 10.81
CA TYR B 191 -34.64 -16.24 9.50
C TYR B 191 -34.92 -15.05 8.59
N THR B 192 -34.26 -15.02 7.44
CA THR B 192 -34.51 -13.99 6.44
C THR B 192 -35.23 -14.65 5.26
N ASN B 193 -36.49 -14.29 5.07
CA ASN B 193 -37.35 -14.93 4.07
C ASN B 193 -37.63 -13.89 2.98
N VAL B 194 -37.02 -14.08 1.82
CA VAL B 194 -37.13 -13.14 0.71
C VAL B 194 -38.36 -13.53 -0.10
N GLY B 195 -39.45 -12.79 0.09
CA GLY B 195 -40.73 -13.10 -0.50
C GLY B 195 -40.71 -13.17 -2.01
N PRO B 196 -41.82 -13.62 -2.61
CA PRO B 196 -41.87 -13.79 -4.08
C PRO B 196 -41.44 -12.55 -4.83
N GLY B 197 -40.38 -12.68 -5.61
CA GLY B 197 -39.80 -11.58 -6.34
C GLY B 197 -38.80 -12.09 -7.34
N MET B 198 -38.39 -11.20 -8.24
CA MET B 198 -37.45 -11.59 -9.28
C MET B 198 -36.04 -11.73 -8.71
N SER B 199 -35.30 -12.69 -9.23
CA SER B 199 -33.86 -12.78 -8.99
C SER B 199 -33.24 -12.48 -10.35
N MET B 200 -32.66 -11.29 -10.48
CA MET B 200 -32.16 -10.87 -11.78
C MET B 200 -30.81 -11.48 -12.12
N SER B 201 -30.11 -12.06 -11.15
CA SER B 201 -28.90 -12.80 -11.48
C SER B 201 -29.20 -14.23 -11.89
N ALA B 202 -30.31 -14.79 -11.40
CA ALA B 202 -30.73 -16.11 -11.83
C ALA B 202 -31.52 -16.05 -13.13
N SER B 203 -32.21 -14.93 -13.37
CA SER B 203 -32.97 -14.78 -14.61
C SER B 203 -32.04 -14.67 -15.81
N VAL B 204 -30.95 -13.91 -15.68
CA VAL B 204 -30.02 -13.78 -16.80
C VAL B 204 -29.17 -15.02 -16.98
N ALA B 205 -29.01 -15.84 -15.95
CA ALA B 205 -28.27 -17.09 -16.11
C ALA B 205 -29.05 -18.10 -16.95
N VAL B 206 -30.37 -18.15 -16.76
CA VAL B 206 -31.20 -19.02 -17.59
C VAL B 206 -31.32 -18.48 -19.00
N LYS B 207 -31.04 -17.19 -19.20
CA LYS B 207 -31.17 -16.59 -20.52
C LYS B 207 -30.21 -17.23 -21.51
N ALA B 208 -28.92 -17.35 -21.12
CA ALA B 208 -27.88 -17.92 -21.97
C ALA B 208 -27.93 -19.44 -22.04
N ILE B 209 -28.90 -20.09 -21.40
CA ILE B 209 -28.96 -21.54 -21.37
C ILE B 209 -29.53 -22.06 -22.68
N GLU B 210 -28.93 -23.13 -23.20
CA GLU B 210 -29.34 -23.73 -24.46
C GLU B 210 -30.84 -24.04 -24.45
N GLY B 211 -31.58 -23.42 -25.37
CA GLY B 211 -32.96 -23.76 -25.57
C GLY B 211 -34.00 -22.75 -25.12
N VAL B 212 -33.61 -21.72 -24.37
CA VAL B 212 -34.55 -20.72 -23.85
C VAL B 212 -34.35 -19.39 -24.58
N LYS B 213 -35.44 -18.89 -25.16
CA LYS B 213 -35.46 -17.58 -25.81
C LYS B 213 -35.46 -16.45 -24.78
N ASP B 214 -36.32 -16.57 -23.76
CA ASP B 214 -36.30 -15.67 -22.62
C ASP B 214 -36.67 -16.45 -21.36
N ALA B 215 -36.36 -15.88 -20.20
CA ALA B 215 -36.61 -16.56 -18.94
C ALA B 215 -36.82 -15.57 -17.81
N LEU B 216 -37.67 -15.97 -16.85
CA LEU B 216 -37.86 -15.25 -15.60
C LEU B 216 -37.66 -16.20 -14.44
N ALA B 217 -36.76 -15.85 -13.53
CA ALA B 217 -36.46 -16.65 -12.35
C ALA B 217 -36.95 -15.94 -11.10
N LEU B 218 -37.71 -16.64 -10.26
CA LEU B 218 -38.27 -16.10 -9.04
C LEU B 218 -37.68 -16.79 -7.82
N ILE B 219 -37.41 -16.03 -6.78
CA ILE B 219 -37.06 -16.57 -5.47
C ILE B 219 -38.32 -16.64 -4.61
N ILE B 220 -38.55 -17.78 -3.98
CA ILE B 220 -39.77 -18.00 -3.21
C ILE B 220 -39.42 -18.55 -1.83
N PRO B 221 -39.87 -17.91 -0.75
CA PRO B 221 -39.59 -18.43 0.59
C PRO B 221 -40.54 -19.55 0.96
N ILE B 222 -40.00 -20.58 1.60
CA ILE B 222 -40.78 -21.70 2.09
C ILE B 222 -40.71 -21.82 3.61
N GLY B 223 -40.14 -20.83 4.27
CA GLY B 223 -40.10 -20.79 5.72
C GLY B 223 -38.72 -21.09 6.27
N THR B 224 -38.49 -20.61 7.49
CA THR B 224 -37.26 -20.82 8.24
C THR B 224 -36.01 -20.64 7.38
N GLY B 225 -36.02 -19.57 6.57
CA GLY B 225 -34.87 -19.19 5.78
C GLY B 225 -34.63 -20.01 4.54
N LEU B 226 -35.38 -21.08 4.32
CA LEU B 226 -35.23 -21.90 3.12
C LEU B 226 -36.03 -21.31 1.97
N HIS B 227 -35.52 -21.51 0.76
CA HIS B 227 -36.12 -20.92 -0.43
C HIS B 227 -36.18 -21.93 -1.58
N ARG B 228 -37.26 -21.86 -2.35
CA ARG B 228 -37.42 -22.62 -3.57
C ARG B 228 -37.34 -21.68 -4.77
N ARG B 229 -36.89 -22.22 -5.90
CA ARG B 229 -36.72 -21.45 -7.13
C ARG B 229 -37.79 -21.87 -8.13
N MET B 230 -38.37 -20.90 -8.82
CA MET B 230 -39.34 -21.17 -9.88
C MET B 230 -38.94 -20.40 -11.11
N VAL B 231 -38.78 -21.11 -12.22
CA VAL B 231 -38.25 -20.57 -13.46
C VAL B 231 -39.33 -20.65 -14.53
N TYR B 232 -39.65 -19.51 -15.13
CA TYR B 232 -40.56 -19.44 -16.26
C TYR B 232 -39.72 -19.18 -17.51
N VAL B 233 -39.85 -20.05 -18.51
CA VAL B 233 -38.96 -20.03 -19.66
C VAL B 233 -39.79 -19.85 -20.93
N GLU B 234 -39.34 -18.92 -21.77
CA GLU B 234 -39.86 -18.75 -23.13
C GLU B 234 -38.90 -19.50 -24.04
N LEU B 235 -39.36 -20.59 -24.64
CA LEU B 235 -38.44 -21.44 -25.37
C LEU B 235 -38.19 -20.92 -26.78
N GLU B 236 -37.04 -21.29 -27.33
CA GLU B 236 -36.74 -20.97 -28.71
C GLU B 236 -37.43 -21.98 -29.62
N GLU B 237 -37.86 -21.50 -30.79
CA GLU B 237 -38.69 -22.30 -31.68
C GLU B 237 -37.97 -23.58 -32.05
N GLY B 238 -38.56 -24.73 -31.73
CA GLY B 238 -37.89 -25.97 -32.11
C GLY B 238 -37.13 -26.68 -31.01
N ALA B 239 -37.38 -26.30 -29.76
CA ALA B 239 -36.73 -26.92 -28.62
C ALA B 239 -37.70 -27.78 -27.81
N ASP B 240 -37.13 -28.79 -27.14
CA ASP B 240 -37.88 -29.71 -26.30
C ASP B 240 -37.88 -29.20 -24.86
N PHE B 241 -39.06 -29.24 -24.23
CA PHE B 241 -39.17 -28.72 -22.87
C PHE B 241 -38.43 -29.59 -21.86
N ALA B 242 -38.56 -30.91 -21.98
CA ALA B 242 -37.90 -31.81 -21.03
C ALA B 242 -36.38 -31.66 -21.11
N THR B 243 -35.86 -31.39 -22.30
CA THR B 243 -34.41 -31.27 -22.48
C THR B 243 -33.88 -29.98 -21.88
N VAL B 244 -34.52 -28.84 -22.20
CA VAL B 244 -34.11 -27.58 -21.62
C VAL B 244 -34.30 -27.58 -20.11
N LYS B 245 -35.28 -28.35 -19.62
CA LYS B 245 -35.46 -28.50 -18.17
C LYS B 245 -34.23 -29.09 -17.50
N GLU B 246 -33.56 -30.05 -18.14
CA GLU B 246 -32.43 -30.74 -17.50
C GLU B 246 -31.12 -29.96 -17.54
N ARG B 247 -31.07 -28.84 -18.25
CA ARG B 247 -29.90 -27.97 -18.17
C ARG B 247 -30.16 -26.81 -17.23
N ILE B 248 -31.43 -26.52 -16.97
CA ILE B 248 -31.80 -25.57 -15.94
C ILE B 248 -31.74 -26.24 -14.57
N LEU B 249 -32.25 -27.46 -14.46
CA LEU B 249 -32.23 -28.18 -13.19
C LEU B 249 -30.84 -28.66 -12.79
N GLN B 250 -29.90 -28.76 -13.73
CA GLN B 250 -28.53 -29.13 -13.41
C GLN B 250 -27.55 -27.96 -13.50
N ASP B 251 -28.04 -26.74 -13.68
CA ASP B 251 -27.18 -25.59 -13.54
C ASP B 251 -26.77 -25.45 -12.07
N PRO B 252 -25.54 -25.02 -11.77
CA PRO B 252 -25.08 -24.98 -10.37
C PRO B 252 -25.98 -24.20 -9.44
N LEU B 253 -26.78 -23.25 -9.94
CA LEU B 253 -27.63 -22.46 -9.07
C LEU B 253 -28.91 -23.18 -8.67
N PHE B 254 -29.31 -24.23 -9.39
CA PHE B 254 -30.59 -24.89 -9.16
C PHE B 254 -30.42 -26.39 -8.97
N VAL B 255 -29.27 -26.84 -8.49
CA VAL B 255 -29.03 -28.27 -8.32
C VAL B 255 -29.40 -28.73 -6.91
N HIS B 256 -28.98 -27.99 -5.90
CA HIS B 256 -29.25 -28.30 -4.50
C HIS B 256 -30.52 -27.64 -3.98
N ASP B 257 -31.22 -26.86 -4.80
CA ASP B 257 -32.42 -26.17 -4.39
C ASP B 257 -33.64 -26.73 -5.11
N GLU B 258 -34.75 -26.85 -4.39
CA GLU B 258 -36.02 -27.25 -4.99
C GLU B 258 -36.39 -26.27 -6.09
N THR B 259 -36.57 -26.78 -7.31
CA THR B 259 -36.75 -25.91 -8.47
C THR B 259 -37.88 -26.44 -9.36
N HIS B 260 -38.81 -25.55 -9.69
CA HIS B 260 -39.88 -25.84 -10.64
C HIS B 260 -39.65 -25.03 -11.92
N VAL B 261 -39.90 -25.65 -13.07
CA VAL B 261 -39.76 -25.00 -14.36
C VAL B 261 -41.09 -25.09 -15.10
N LEU B 262 -41.52 -23.97 -15.67
CA LEU B 262 -42.75 -23.90 -16.46
C LEU B 262 -42.48 -23.13 -17.73
N GLN B 263 -43.07 -23.59 -18.83
CA GLN B 263 -42.94 -22.90 -20.11
C GLN B 263 -44.10 -21.94 -20.29
N VAL B 264 -43.78 -20.73 -20.77
CA VAL B 264 -44.77 -19.68 -20.98
C VAL B 264 -44.53 -19.04 -22.34
N ASP B 265 -45.57 -18.41 -22.88
CA ASP B 265 -45.46 -17.76 -24.17
C ASP B 265 -44.68 -16.46 -24.07
N ASP B 266 -44.93 -15.66 -23.03
CA ASP B 266 -44.31 -14.35 -22.87
C ASP B 266 -43.94 -14.17 -21.41
N VAL B 267 -42.64 -14.26 -21.10
CA VAL B 267 -42.21 -14.04 -19.72
C VAL B 267 -42.40 -12.58 -19.33
N LYS B 268 -42.38 -11.68 -20.31
CA LYS B 268 -42.56 -10.26 -20.03
C LYS B 268 -43.91 -9.97 -19.40
N GLN B 269 -44.92 -10.79 -19.68
CA GLN B 269 -46.24 -10.61 -19.09
C GLN B 269 -46.27 -10.92 -17.60
N LEU B 270 -45.21 -11.52 -17.06
CA LEU B 270 -45.15 -11.94 -15.67
C LEU B 270 -44.27 -11.04 -14.82
N ILE B 271 -43.65 -10.02 -15.41
CA ILE B 271 -42.60 -9.25 -14.74
C ILE B 271 -43.24 -8.24 -13.79
N ASP B 272 -42.81 -8.25 -12.54
CA ASP B 272 -43.11 -7.18 -11.60
C ASP B 272 -41.91 -7.02 -10.68
N ARG B 273 -41.46 -5.78 -10.51
N ARG B 273 -41.45 -5.79 -10.51
CA ARG B 273 -40.25 -5.49 -9.76
CA ARG B 273 -40.23 -5.51 -9.76
C ARG B 273 -40.51 -5.24 -8.28
C ARG B 273 -40.51 -5.24 -8.28
N GLY B 274 -41.69 -5.62 -7.78
CA GLY B 274 -41.92 -5.58 -6.36
C GLY B 274 -41.43 -6.85 -5.69
N ILE B 275 -41.14 -6.75 -4.39
CA ILE B 275 -40.64 -7.89 -3.64
C ILE B 275 -40.99 -7.71 -2.17
N ALA B 276 -40.91 -8.80 -1.41
CA ALA B 276 -41.13 -8.81 0.02
C ALA B 276 -39.92 -9.40 0.73
N VAL B 277 -39.65 -8.87 1.92
CA VAL B 277 -38.62 -9.39 2.82
C VAL B 277 -39.23 -9.49 4.20
N ARG B 278 -39.18 -10.67 4.81
CA ARG B 278 -39.69 -10.86 6.15
C ARG B 278 -38.61 -11.49 7.01
N MET B 279 -38.27 -10.82 8.11
CA MET B 279 -37.23 -11.28 9.03
C MET B 279 -37.87 -11.63 10.37
N GLU B 280 -37.55 -12.80 10.89
CA GLU B 280 -38.03 -13.25 12.19
C GLU B 280 -36.83 -13.62 13.05
N ARG B 281 -36.89 -13.26 14.34
CA ARG B 281 -35.92 -13.75 15.30
C ARG B 281 -36.62 -14.12 16.59
N LYS B 282 -36.32 -15.31 17.10
CA LYS B 282 -36.73 -15.74 18.44
C LYS B 282 -35.45 -15.94 19.23
N GLY B 283 -35.29 -15.19 20.33
CA GLY B 283 -34.02 -15.20 21.01
C GLY B 283 -34.03 -14.90 22.48
N VAL B 284 -32.85 -14.82 23.06
CA VAL B 284 -32.65 -14.64 24.50
C VAL B 284 -32.07 -13.25 24.73
N SER B 285 -32.77 -12.43 25.52
CA SER B 285 -32.26 -11.14 25.96
C SER B 285 -31.68 -11.34 27.36
N GLY B 286 -30.35 -11.37 27.44
CA GLY B 286 -29.71 -11.67 28.70
C GLY B 286 -29.81 -13.14 29.02
N GLN B 287 -30.78 -13.49 29.87
CA GLN B 287 -31.10 -14.87 30.19
C GLN B 287 -32.58 -15.15 30.02
N THR B 288 -33.35 -14.18 29.53
CA THR B 288 -34.80 -14.31 29.37
C THR B 288 -35.10 -14.87 27.98
N GLN B 289 -35.75 -16.04 27.93
CA GLN B 289 -36.04 -16.71 26.69
C GLN B 289 -37.23 -16.07 25.97
N ASN B 290 -37.42 -16.48 24.71
CA ASN B 290 -38.66 -16.25 23.96
C ASN B 290 -38.91 -14.77 23.66
N GLN B 291 -37.86 -14.03 23.33
CA GLN B 291 -38.03 -12.68 22.82
C GLN B 291 -38.31 -12.74 21.32
N LEU B 292 -39.38 -12.08 20.89
CA LEU B 292 -39.92 -12.26 19.55
C LEU B 292 -39.83 -10.96 18.76
N PHE B 293 -39.25 -11.06 17.56
CA PHE B 293 -39.04 -9.92 16.68
C PHE B 293 -39.45 -10.28 15.27
N THR B 294 -40.16 -9.37 14.61
CA THR B 294 -40.58 -9.55 13.23
C THR B 294 -40.39 -8.26 12.44
N TYR B 295 -39.79 -8.36 11.26
CA TYR B 295 -39.65 -7.23 10.36
C TYR B 295 -40.13 -7.66 8.98
N GLU B 296 -40.94 -6.81 8.36
CA GLU B 296 -41.56 -7.12 7.08
C GLU B 296 -41.61 -5.88 6.23
N MET B 297 -41.32 -6.04 4.94
CA MET B 297 -41.41 -4.92 4.00
C MET B 297 -41.88 -5.41 2.64
N ARG B 298 -42.77 -4.64 2.03
CA ARG B 298 -43.29 -4.92 0.68
C ARG B 298 -43.10 -3.66 -0.15
N ILE B 299 -42.14 -3.69 -1.08
CA ILE B 299 -41.63 -2.48 -1.71
C ILE B 299 -41.29 -2.72 -3.18
N ASN B 300 -41.21 -1.62 -3.92
CA ASN B 300 -40.61 -1.63 -5.24
C ASN B 300 -39.10 -1.76 -5.08
N ASN B 301 -38.54 -2.88 -5.57
CA ASN B 301 -37.14 -3.19 -5.28
C ASN B 301 -36.19 -2.12 -5.79
N PRO B 302 -36.13 -1.78 -7.09
CA PRO B 302 -35.19 -0.73 -7.51
C PRO B 302 -35.49 0.64 -6.90
N ALA B 303 -36.76 0.98 -6.73
CA ALA B 303 -37.12 2.24 -6.10
C ALA B 303 -36.51 2.35 -4.71
N LEU B 304 -36.63 1.28 -3.91
CA LEU B 304 -36.07 1.29 -2.56
C LEU B 304 -34.55 1.31 -2.61
N THR B 305 -33.95 0.44 -3.42
CA THR B 305 -32.49 0.36 -3.50
C THR B 305 -31.87 1.70 -3.91
N SER B 306 -32.47 2.36 -4.90
CA SER B 306 -31.93 3.65 -5.32
C SER B 306 -32.10 4.71 -4.23
N GLN B 307 -33.20 4.65 -3.48
CA GLN B 307 -33.39 5.61 -2.39
C GLN B 307 -32.35 5.41 -1.30
N VAL B 308 -32.07 4.15 -0.94
CA VAL B 308 -31.05 3.86 0.07
C VAL B 308 -29.69 4.36 -0.37
N MET B 309 -29.37 4.18 -1.66
CA MET B 309 -28.08 4.65 -2.18
C MET B 309 -27.99 6.18 -2.11
N ILE B 310 -29.10 6.88 -2.35
CA ILE B 310 -29.09 8.33 -2.25
C ILE B 310 -28.92 8.75 -0.79
N ALA B 311 -29.62 8.06 0.12
CA ALA B 311 -29.41 8.33 1.54
C ALA B 311 -27.98 8.04 1.96
N SER B 312 -27.38 7.01 1.36
CA SER B 312 -25.98 6.71 1.64
C SER B 312 -25.06 7.79 1.09
N ALA B 313 -25.41 8.36 -0.06
CA ALA B 313 -24.64 9.49 -0.60
C ALA B 313 -24.63 10.64 0.40
N ARG B 314 -25.76 10.90 1.04
CA ARG B 314 -25.81 11.89 2.11
C ARG B 314 -24.87 11.52 3.25
N ALA B 315 -24.88 10.25 3.66
CA ALA B 315 -24.03 9.81 4.77
C ALA B 315 -22.54 9.86 4.41
N ALA B 316 -22.20 9.60 3.14
CA ALA B 316 -20.79 9.60 2.73
C ALA B 316 -20.13 10.95 2.99
N MET B 317 -20.88 12.04 2.82
CA MET B 317 -20.35 13.38 3.07
C MET B 317 -20.02 13.62 4.53
N ARG B 318 -20.41 12.73 5.43
CA ARG B 318 -20.20 12.91 6.86
C ARG B 318 -19.21 11.92 7.43
N GLN B 319 -18.54 11.14 6.59
CA GLN B 319 -17.63 10.10 7.05
C GLN B 319 -16.18 10.52 6.84
N LYS B 320 -15.29 9.85 7.57
CA LYS B 320 -13.86 9.93 7.29
C LYS B 320 -13.53 9.13 6.03
N PRO B 321 -12.38 9.39 5.40
CA PRO B 321 -11.99 8.60 4.24
C PRO B 321 -11.98 7.12 4.59
N GLY B 322 -12.42 6.29 3.64
CA GLY B 322 -12.48 4.86 3.86
C GLY B 322 -13.69 4.21 3.21
N ALA B 323 -13.81 2.90 3.38
CA ALA B 323 -14.93 2.14 2.85
C ALA B 323 -15.78 1.62 4.00
N TYR B 324 -17.11 1.73 3.85
CA TYR B 324 -18.03 1.36 4.91
C TYR B 324 -19.19 0.55 4.36
N THR B 325 -19.56 -0.50 5.09
CA THR B 325 -20.88 -1.07 4.92
C THR B 325 -21.89 -0.27 5.76
N MET B 326 -23.17 -0.59 5.60
CA MET B 326 -24.21 0.22 6.24
C MET B 326 -24.29 0.03 7.73
N ILE B 327 -23.71 -1.05 8.28
CA ILE B 327 -23.75 -1.26 9.73
C ILE B 327 -22.55 -0.58 10.38
N GLU B 328 -21.78 0.18 9.60
CA GLU B 328 -20.64 0.92 10.12
C GLU B 328 -20.87 2.43 10.09
N ILE B 329 -22.12 2.87 9.91
CA ILE B 329 -22.42 4.28 9.78
C ILE B 329 -23.52 4.62 10.79
N PRO B 330 -23.37 5.69 11.56
CA PRO B 330 -24.46 6.10 12.46
C PRO B 330 -25.73 6.33 11.65
N ILE B 331 -26.85 5.79 12.14
CA ILE B 331 -28.12 5.87 11.42
C ILE B 331 -28.48 7.31 11.11
N ILE B 332 -28.16 8.23 12.03
CA ILE B 332 -28.53 9.63 11.83
C ILE B 332 -27.82 10.23 10.62
N ASP B 333 -26.66 9.67 10.24
CA ASP B 333 -25.91 10.21 9.11
C ASP B 333 -26.64 10.03 7.78
N PHE B 334 -27.58 9.09 7.69
CA PHE B 334 -28.35 8.91 6.47
C PHE B 334 -29.50 9.90 6.34
N LEU B 335 -29.78 10.67 7.38
CA LEU B 335 -30.97 11.51 7.43
C LEU B 335 -30.64 12.97 7.14
N TYR B 336 -31.57 13.65 6.49
CA TYR B 336 -31.48 15.08 6.24
C TYR B 336 -32.08 15.86 7.41
N GLY B 337 -31.41 16.93 7.78
CA GLY B 337 -31.92 17.85 8.78
C GLY B 337 -30.90 18.17 9.86
N ASP B 338 -31.29 19.09 10.73
CA ASP B 338 -30.48 19.45 11.88
C ASP B 338 -30.38 18.27 12.84
N ARG B 339 -29.17 18.02 13.35
CA ARG B 339 -28.95 16.87 14.22
C ARG B 339 -29.85 16.92 15.46
N ASP B 340 -29.91 18.08 16.12
CA ASP B 340 -30.75 18.19 17.31
C ASP B 340 -32.23 18.04 16.96
N GLU B 341 -32.63 18.57 15.80
CA GLU B 341 -34.02 18.46 15.38
C GLU B 341 -34.39 17.03 15.05
N LEU B 342 -33.44 16.26 14.51
CA LEU B 342 -33.68 14.84 14.27
C LEU B 342 -33.83 14.06 15.56
N ILE B 343 -32.98 14.33 16.55
CA ILE B 343 -33.05 13.60 17.82
C ILE B 343 -34.37 13.89 18.52
N ARG B 344 -34.84 15.13 18.48
CA ARG B 344 -36.12 15.46 19.09
C ARG B 344 -37.27 14.72 18.43
N ARG B 345 -37.23 14.60 17.09
CA ARG B 345 -38.37 14.02 16.38
C ARG B 345 -38.32 12.49 16.34
N LEU B 346 -37.16 11.89 16.47
CA LEU B 346 -37.00 10.47 16.20
C LEU B 346 -36.59 9.63 17.41
N VAL B 347 -35.83 10.18 18.35
CA VAL B 347 -35.35 9.40 19.49
C VAL B 347 -36.40 9.38 20.59
N SER C 42 -13.22 -13.53 -7.75
CA SER C 42 -14.31 -14.07 -8.56
C SER C 42 -14.23 -13.56 -10.00
N GLU C 43 -15.39 -13.36 -10.62
CA GLU C 43 -15.45 -12.74 -11.94
C GLU C 43 -15.38 -11.22 -11.87
N ILE C 44 -15.07 -10.67 -10.69
CA ILE C 44 -15.02 -9.22 -10.52
C ILE C 44 -13.98 -8.65 -11.48
N ARG C 45 -14.42 -7.71 -12.32
CA ARG C 45 -13.52 -7.09 -13.29
C ARG C 45 -12.34 -6.46 -12.56
N THR C 46 -11.14 -6.65 -13.11
CA THR C 46 -10.00 -5.96 -12.55
C THR C 46 -9.91 -4.56 -13.12
N GLU C 47 -9.21 -3.69 -12.39
CA GLU C 47 -9.14 -2.30 -12.77
C GLU C 47 -8.39 -2.15 -14.10
N ARG C 48 -8.50 -0.97 -14.69
CA ARG C 48 -7.96 -0.71 -16.02
C ARG C 48 -6.49 -0.32 -15.94
N PRO C 49 -5.61 -0.90 -16.77
CA PRO C 49 -4.18 -0.65 -16.63
C PRO C 49 -3.82 0.82 -16.81
N ILE C 50 -2.70 1.20 -16.19
CA ILE C 50 -2.19 2.56 -16.32
C ILE C 50 -1.60 2.75 -17.70
N ARG C 51 -2.02 3.81 -18.39
CA ARG C 51 -1.53 4.11 -19.72
C ARG C 51 -0.34 5.05 -19.61
N VAL C 52 0.82 4.56 -20.04
CA VAL C 52 2.09 5.26 -19.85
C VAL C 52 2.64 5.69 -21.20
N ALA C 53 3.06 6.95 -21.29
CA ALA C 53 3.76 7.48 -22.45
C ALA C 53 5.22 7.72 -22.07
N ILE C 54 6.12 7.41 -23.00
CA ILE C 54 7.56 7.57 -22.79
C ILE C 54 8.01 8.82 -23.55
N ILE C 55 8.57 9.77 -22.81
CA ILE C 55 9.01 11.05 -23.36
C ILE C 55 10.53 10.99 -23.53
N GLY C 56 10.99 10.94 -24.79
CA GLY C 56 12.41 10.89 -25.05
C GLY C 56 12.96 9.47 -25.14
N TYR C 57 13.49 9.09 -26.30
CA TYR C 57 13.91 7.72 -26.57
C TYR C 57 15.44 7.64 -26.65
N GLY C 58 16.09 7.69 -25.49
CA GLY C 58 17.51 7.41 -25.37
C GLY C 58 17.73 6.00 -24.84
N ASN C 59 18.85 5.81 -24.13
CA ASN C 59 19.07 4.52 -23.49
C ASN C 59 18.02 4.28 -22.41
N ILE C 60 17.73 5.29 -21.59
CA ILE C 60 16.70 5.16 -20.56
C ILE C 60 15.36 4.85 -21.20
N GLY C 61 15.05 5.51 -22.32
CA GLY C 61 13.78 5.26 -22.98
C GLY C 61 13.67 3.85 -23.50
N GLN C 62 14.78 3.30 -24.01
CA GLN C 62 14.77 1.93 -24.51
C GLN C 62 14.50 0.94 -23.39
N TYR C 63 15.13 1.13 -22.24
CA TYR C 63 14.90 0.24 -21.10
C TYR C 63 13.54 0.49 -20.48
N ALA C 64 13.10 1.74 -20.44
CA ALA C 64 11.76 2.05 -19.93
C ALA C 64 10.70 1.32 -20.74
N LEU C 65 10.90 1.20 -22.05
CA LEU C 65 9.98 0.43 -22.89
C LEU C 65 9.81 -0.99 -22.35
N GLN C 66 10.92 -1.65 -22.02
CA GLN C 66 10.85 -3.02 -21.50
C GLN C 66 10.20 -3.05 -20.13
N ALA C 67 10.49 -2.07 -19.28
CA ALA C 67 9.90 -2.04 -17.95
C ALA C 67 8.39 -1.87 -18.01
N VAL C 68 7.90 -1.04 -18.93
CA VAL C 68 6.46 -0.85 -19.09
C VAL C 68 5.81 -2.15 -19.54
N GLU C 69 6.41 -2.85 -20.50
CA GLU C 69 5.84 -4.09 -21.01
C GLU C 69 5.71 -5.14 -19.91
N GLU C 70 6.75 -5.30 -19.09
CA GLU C 70 6.71 -6.31 -18.05
C GLU C 70 5.79 -5.94 -16.91
N ALA C 71 5.54 -4.65 -16.71
CA ALA C 71 4.62 -4.21 -15.68
C ALA C 71 3.23 -4.77 -15.95
N PRO C 72 2.68 -5.62 -15.08
CA PRO C 72 1.34 -6.19 -15.35
C PRO C 72 0.22 -5.19 -15.17
N ASP C 73 0.48 -4.05 -14.52
CA ASP C 73 -0.54 -3.03 -14.29
C ASP C 73 -0.40 -1.85 -15.24
N MET C 74 0.41 -1.99 -16.30
CA MET C 74 0.68 -0.89 -17.21
C MET C 74 0.64 -1.38 -18.64
N GLU C 75 0.15 -0.53 -19.54
CA GLU C 75 0.24 -0.77 -20.97
C GLU C 75 0.80 0.48 -21.63
N LEU C 76 1.57 0.28 -22.70
CA LEU C 76 2.26 1.37 -23.36
C LEU C 76 1.29 2.18 -24.21
N ALA C 77 1.17 3.47 -23.89
CA ALA C 77 0.36 4.36 -24.73
C ALA C 77 1.09 4.73 -26.03
N GLY C 78 2.39 4.91 -25.96
CA GLY C 78 3.17 5.32 -27.11
C GLY C 78 4.43 6.03 -26.66
N VAL C 79 5.21 6.44 -27.66
CA VAL C 79 6.50 7.11 -27.44
C VAL C 79 6.46 8.48 -28.10
N VAL C 80 6.88 9.50 -27.37
CA VAL C 80 6.95 10.87 -27.87
C VAL C 80 8.41 11.23 -28.14
N ARG C 81 8.70 11.66 -29.36
CA ARG C 81 10.05 12.06 -29.75
C ARG C 81 10.00 13.44 -30.38
N ARG C 82 11.18 14.05 -30.49
CA ARG C 82 11.32 15.28 -31.24
C ARG C 82 11.02 15.02 -32.72
N GLN C 83 10.57 16.07 -33.41
CA GLN C 83 10.26 15.94 -34.83
C GLN C 83 11.50 15.54 -35.63
N SER C 84 12.67 16.06 -35.24
CA SER C 84 13.90 15.67 -35.92
C SER C 84 14.12 14.17 -35.83
N SER C 85 13.84 13.57 -34.66
CA SER C 85 14.02 12.13 -34.48
C SER C 85 12.91 11.31 -35.11
N LEU C 86 11.77 11.92 -35.41
CA LEU C 86 10.66 11.17 -36.00
C LEU C 86 10.94 10.76 -37.44
N GLU C 87 11.81 11.48 -38.13
CA GLU C 87 12.11 11.19 -39.52
C GLU C 87 13.40 10.41 -39.70
N LYS C 88 14.12 10.15 -38.62
CA LYS C 88 15.18 9.15 -38.67
C LYS C 88 14.51 7.78 -38.76
N PRO C 89 15.22 6.76 -39.25
CA PRO C 89 14.56 5.45 -39.44
C PRO C 89 13.96 4.91 -38.16
N LEU C 90 12.81 4.26 -38.30
CA LEU C 90 12.08 3.75 -37.14
C LEU C 90 12.81 2.57 -36.52
N PRO C 91 13.15 2.63 -35.24
CA PRO C 91 13.83 1.50 -34.60
C PRO C 91 12.97 0.23 -34.67
N ARG C 92 13.66 -0.91 -34.78
CA ARG C 92 12.96 -2.17 -35.03
C ARG C 92 12.07 -2.58 -33.86
N GLU C 93 12.43 -2.18 -32.63
CA GLU C 93 11.62 -2.53 -31.47
C GLU C 93 10.38 -1.65 -31.33
N LEU C 94 10.30 -0.56 -32.09
CA LEU C 94 9.15 0.34 -32.05
C LEU C 94 8.13 0.02 -33.14
N HIS C 95 8.28 -1.11 -33.84
CA HIS C 95 7.29 -1.52 -34.81
C HIS C 95 5.96 -1.83 -34.12
N GLY C 96 4.89 -1.22 -34.63
CA GLY C 96 3.60 -1.34 -33.99
C GLY C 96 3.39 -0.45 -32.80
N VAL C 97 4.32 0.47 -32.54
CA VAL C 97 4.23 1.39 -31.40
C VAL C 97 3.98 2.79 -31.95
N SER C 98 2.99 3.47 -31.38
CA SER C 98 2.69 4.84 -31.78
C SER C 98 3.83 5.76 -31.37
N VAL C 99 4.55 6.28 -32.36
CA VAL C 99 5.65 7.21 -32.13
C VAL C 99 5.25 8.55 -32.74
N VAL C 100 5.00 9.53 -31.89
CA VAL C 100 4.42 10.82 -32.28
C VAL C 100 5.28 11.93 -31.70
N SER C 101 4.87 13.18 -31.98
CA SER C 101 5.59 14.36 -31.54
C SER C 101 4.95 15.05 -30.34
N ASP C 102 3.73 14.68 -29.96
CA ASP C 102 3.08 15.28 -28.80
C ASP C 102 2.20 14.23 -28.14
N VAL C 103 2.09 14.33 -26.80
CA VAL C 103 1.36 13.34 -26.03
C VAL C 103 -0.12 13.30 -26.38
N SER C 104 -0.66 14.39 -26.93
CA SER C 104 -2.08 14.43 -27.26
C SER C 104 -2.46 13.42 -28.34
N ALA C 105 -1.50 12.99 -29.16
CA ALA C 105 -1.78 12.05 -30.23
C ALA C 105 -1.78 10.60 -29.77
N LEU C 106 -1.58 10.34 -28.48
CA LEU C 106 -1.50 8.99 -27.95
C LEU C 106 -2.78 8.56 -27.23
N GLY C 107 -3.85 9.33 -27.36
CA GLY C 107 -5.07 9.02 -26.65
C GLY C 107 -4.94 9.33 -25.16
N GLN C 108 -5.66 8.56 -24.35
CA GLN C 108 -5.63 8.76 -22.90
C GLN C 108 -4.25 8.35 -22.36
N VAL C 109 -3.61 9.27 -21.64
CA VAL C 109 -2.29 9.03 -21.05
C VAL C 109 -2.39 9.38 -19.57
N ASP C 110 -2.23 8.37 -18.71
CA ASP C 110 -2.27 8.62 -17.27
C ASP C 110 -0.94 9.17 -16.76
N VAL C 111 0.17 8.53 -17.13
CA VAL C 111 1.48 8.88 -16.62
C VAL C 111 2.44 9.05 -17.78
N ALA C 112 3.27 10.09 -17.73
CA ALA C 112 4.35 10.30 -18.69
C ALA C 112 5.68 10.06 -17.99
N VAL C 113 6.49 9.17 -18.53
CA VAL C 113 7.79 8.83 -17.98
C VAL C 113 8.83 9.60 -18.78
N LEU C 114 9.50 10.55 -18.11
CA LEU C 114 10.36 11.53 -18.79
C LEU C 114 11.76 10.96 -18.87
N CYS C 115 12.16 10.53 -20.08
CA CYS C 115 13.51 10.03 -20.31
C CYS C 115 14.29 11.04 -21.16
N THR C 116 14.21 12.30 -20.78
CA THR C 116 14.78 13.43 -21.49
C THR C 116 16.03 13.95 -20.78
N PRO C 117 16.83 14.78 -21.45
CA PRO C 117 18.03 15.31 -20.79
C PRO C 117 17.67 16.16 -19.57
N THR C 118 18.60 16.20 -18.62
CA THR C 118 18.36 16.83 -17.32
C THR C 118 17.86 18.26 -17.46
N TYR C 119 18.57 19.07 -18.26
CA TYR C 119 18.27 20.51 -18.30
C TYR C 119 16.91 20.80 -18.92
N GLU C 120 16.43 19.96 -19.83
CA GLU C 120 15.12 20.16 -20.46
C GLU C 120 13.98 19.55 -19.67
N THR C 121 14.24 18.73 -18.66
CA THR C 121 13.21 17.87 -18.08
C THR C 121 12.23 18.66 -17.23
N PRO C 122 12.65 19.58 -16.35
CA PRO C 122 11.66 20.33 -15.56
C PRO C 122 10.65 21.07 -16.41
N ALA C 123 11.10 21.69 -17.51
CA ALA C 123 10.18 22.41 -18.37
C ALA C 123 9.19 21.45 -19.03
N ILE C 124 9.67 20.29 -19.50
CA ILE C 124 8.78 19.29 -20.09
C ILE C 124 7.79 18.79 -19.06
N ALA C 125 8.23 18.56 -17.82
CA ALA C 125 7.34 18.06 -16.79
C ALA C 125 6.21 19.06 -16.51
N LYS C 126 6.58 20.31 -16.25
CA LYS C 126 5.61 21.38 -15.99
C LYS C 126 4.60 21.50 -17.13
N GLU C 127 5.08 21.33 -18.36
CA GLU C 127 4.21 21.38 -19.54
C GLU C 127 3.15 20.28 -19.49
N LEU C 128 3.56 19.05 -19.15
CA LEU C 128 2.61 17.93 -19.16
C LEU C 128 1.75 17.86 -17.90
N LEU C 129 2.30 18.26 -16.75
CA LEU C 129 1.49 18.32 -15.53
C LEU C 129 0.27 19.22 -15.71
N ALA C 130 0.44 20.35 -16.38
CA ALA C 130 -0.66 21.29 -16.57
C ALA C 130 -1.80 20.67 -17.37
N ARG C 131 -1.52 19.66 -18.18
CA ARG C 131 -2.54 18.91 -18.89
C ARG C 131 -3.20 17.85 -18.01
N GLY C 132 -2.88 17.83 -16.72
CA GLY C 132 -3.42 16.83 -15.83
C GLY C 132 -2.75 15.48 -15.93
N ILE C 133 -1.57 15.40 -16.55
CA ILE C 133 -0.84 14.16 -16.73
C ILE C 133 0.23 14.05 -15.66
N HIS C 134 0.28 12.90 -15.00
CA HIS C 134 1.34 12.63 -14.04
C HIS C 134 2.68 12.50 -14.76
N THR C 135 3.75 12.90 -14.08
CA THR C 135 5.09 12.87 -14.65
C THR C 135 6.08 12.20 -13.72
N ILE C 136 6.92 11.34 -14.27
CA ILE C 136 8.03 10.72 -13.57
C ILE C 136 9.33 11.15 -14.24
N ASP C 137 10.33 11.51 -13.43
CA ASP C 137 11.65 11.84 -13.95
C ASP C 137 12.71 11.34 -12.98
N SER C 138 13.94 11.26 -13.48
CA SER C 138 15.11 10.86 -12.69
C SER C 138 16.13 12.00 -12.65
N PHE C 139 15.64 13.23 -12.55
CA PHE C 139 16.48 14.42 -12.40
C PHE C 139 17.57 14.19 -11.36
N ASP C 140 18.83 14.47 -11.76
CA ASP C 140 19.97 14.00 -10.97
C ASP C 140 20.92 15.13 -10.57
N ILE C 141 20.48 16.38 -10.57
CA ILE C 141 21.27 17.48 -10.04
C ILE C 141 20.82 17.69 -8.59
N HIS C 142 21.58 17.14 -7.65
CA HIS C 142 21.17 17.11 -6.25
C HIS C 142 20.91 18.51 -5.71
N GLN C 143 21.76 19.48 -6.07
CA GLN C 143 21.64 20.81 -5.50
C GLN C 143 20.38 21.54 -5.96
N GLU C 144 19.73 21.07 -7.02
CA GLU C 144 18.54 21.73 -7.56
C GLU C 144 17.26 20.97 -7.28
N ILE C 145 17.31 19.86 -6.53
CA ILE C 145 16.12 19.04 -6.35
C ILE C 145 15.07 19.76 -5.52
N VAL C 146 15.50 20.36 -4.40
CA VAL C 146 14.59 21.12 -3.54
C VAL C 146 13.88 22.20 -4.36
N GLN C 147 14.64 22.94 -5.16
CA GLN C 147 14.06 24.01 -5.96
C GLN C 147 13.10 23.45 -7.02
N VAL C 148 13.53 22.43 -7.76
CA VAL C 148 12.69 21.85 -8.81
C VAL C 148 11.43 21.23 -8.20
N ARG C 149 11.56 20.60 -7.03
CA ARG C 149 10.39 20.00 -6.39
C ARG C 149 9.31 21.04 -6.13
N HIS C 150 9.71 22.20 -5.60
CA HIS C 150 8.75 23.28 -5.35
C HIS C 150 8.10 23.74 -6.65
N GLU C 151 8.90 23.88 -7.71
CA GLU C 151 8.34 24.36 -8.98
C GLU C 151 7.36 23.36 -9.57
N LEU C 152 7.70 22.06 -9.54
CA LEU C 152 6.75 21.04 -9.99
C LEU C 152 5.54 20.95 -9.08
N ASP C 153 5.73 21.19 -7.78
CA ASP C 153 4.64 21.11 -6.83
C ASP C 153 3.52 22.09 -7.16
N GLU C 154 3.88 23.33 -7.52
CA GLU C 154 2.86 24.35 -7.77
C GLU C 154 2.01 24.01 -8.98
N VAL C 155 2.63 23.51 -10.05
CA VAL C 155 1.88 23.11 -11.23
C VAL C 155 1.02 21.88 -10.94
N ALA C 156 1.61 20.90 -10.24
CA ALA C 156 0.91 19.64 -9.98
C ALA C 156 -0.34 19.86 -9.11
N ARG C 157 -0.22 20.67 -8.05
CA ARG C 157 -1.34 20.89 -7.15
C ARG C 157 -2.49 21.59 -7.85
N ALA C 158 -2.18 22.54 -8.73
CA ALA C 158 -3.20 23.31 -9.43
C ALA C 158 -3.98 22.49 -10.45
N HIS C 159 -3.43 21.37 -10.92
CA HIS C 159 -4.00 20.68 -12.06
C HIS C 159 -4.27 19.20 -11.79
N GLN C 160 -4.46 18.82 -10.51
CA GLN C 160 -4.82 17.45 -10.15
C GLN C 160 -3.83 16.43 -10.73
N ALA C 161 -2.54 16.74 -10.63
CA ALA C 161 -1.51 15.87 -11.17
C ALA C 161 -0.50 15.54 -10.08
N VAL C 162 0.22 14.44 -10.29
CA VAL C 162 1.25 13.97 -9.36
C VAL C 162 2.57 13.90 -10.13
N ALA C 163 3.59 14.55 -9.58
CA ALA C 163 4.94 14.49 -10.15
C ALA C 163 5.88 13.85 -9.13
N ILE C 164 6.59 12.82 -9.58
CA ILE C 164 7.66 12.20 -8.78
C ILE C 164 8.97 12.47 -9.51
N LEU C 165 9.88 13.18 -8.85
CA LEU C 165 11.13 13.60 -9.45
C LEU C 165 12.31 12.92 -8.77
N ALA C 166 13.44 12.89 -9.48
CA ALA C 166 14.68 12.30 -8.97
C ALA C 166 14.49 10.83 -8.59
N ALA C 167 13.66 10.13 -9.35
CA ALA C 167 13.30 8.75 -9.01
C ALA C 167 14.05 7.80 -9.94
N GLY C 168 15.36 7.71 -9.70
CA GLY C 168 16.23 6.82 -10.45
C GLY C 168 17.05 5.96 -9.52
N LEU C 169 18.32 5.75 -9.89
CA LEU C 169 19.23 4.97 -9.06
C LEU C 169 19.86 5.83 -7.97
N LEU C 170 20.47 6.95 -8.37
CA LEU C 170 21.04 7.92 -7.43
C LEU C 170 21.02 9.29 -8.07
N PRO C 171 20.10 10.19 -7.67
CA PRO C 171 19.10 10.06 -6.60
C PRO C 171 17.98 9.08 -6.92
N GLY C 172 17.23 8.66 -5.90
CA GLY C 172 16.21 7.65 -6.07
C GLY C 172 16.25 6.60 -4.97
N THR C 173 16.39 5.33 -5.36
CA THR C 173 16.35 4.25 -4.38
C THR C 173 17.54 4.30 -3.43
N CYS C 174 18.70 4.75 -3.92
CA CYS C 174 19.85 4.93 -3.03
C CYS C 174 19.56 6.00 -1.99
N SER C 175 18.81 7.04 -2.36
CA SER C 175 18.42 8.05 -1.38
C SER C 175 17.54 7.44 -0.29
N MET C 176 16.62 6.54 -0.68
CA MET C 176 15.73 5.91 0.29
C MET C 176 16.52 5.05 1.27
N ILE C 177 17.43 4.21 0.76
CA ILE C 177 18.29 3.42 1.63
C ILE C 177 19.10 4.32 2.55
N ARG C 178 19.72 5.36 1.97
CA ARG C 178 20.48 6.33 2.75
C ARG C 178 19.64 6.94 3.87
N SER C 179 18.39 7.28 3.58
CA SER C 179 17.53 7.90 4.58
C SER C 179 17.14 6.91 5.69
N ILE C 180 16.95 5.64 5.34
CA ILE C 180 16.61 4.65 6.35
C ILE C 180 17.78 4.43 7.30
N LEU C 181 19.01 4.36 6.76
CA LEU C 181 20.20 4.29 7.60
C LEU C 181 20.26 5.50 8.54
N GLU C 182 19.83 6.66 8.07
CA GLU C 182 19.95 7.89 8.86
C GLU C 182 19.17 7.80 10.17
N PHE C 183 17.92 7.33 10.11
CA PHE C 183 17.13 7.28 11.34
C PHE C 183 17.37 6.02 12.15
N MET C 184 18.00 5.01 11.56
CA MET C 184 18.44 3.86 12.34
C MET C 184 19.62 4.22 13.24
N ALA C 185 20.44 5.19 12.81
CA ALA C 185 21.60 5.63 13.58
C ALA C 185 21.81 7.11 13.35
N PRO C 186 21.14 7.97 14.13
CA PRO C 186 21.16 9.41 13.82
C PRO C 186 22.54 10.05 13.89
N TYR C 187 23.41 9.60 14.77
CA TYR C 187 24.76 10.15 14.89
C TYR C 187 25.71 9.27 14.10
N GLY C 188 26.56 9.89 13.29
CA GLY C 188 27.53 9.18 12.49
C GLY C 188 27.62 9.75 11.09
N ILE C 189 28.27 9.00 10.20
CA ILE C 189 28.57 9.44 8.85
C ILE C 189 28.20 8.33 7.88
N THR C 190 27.62 8.71 6.75
CA THR C 190 27.35 7.80 5.65
C THR C 190 28.24 8.15 4.47
N TYR C 191 28.91 7.15 3.91
CA TYR C 191 29.71 7.30 2.71
C TYR C 191 29.01 6.62 1.57
N THR C 192 28.78 7.34 0.48
CA THR C 192 28.20 6.78 -0.74
C THR C 192 29.31 6.71 -1.77
N ASN C 193 29.71 5.49 -2.12
CA ASN C 193 30.85 5.25 -2.99
C ASN C 193 30.34 4.70 -4.32
N VAL C 194 30.42 5.50 -5.37
CA VAL C 194 29.90 5.15 -6.69
C VAL C 194 31.00 4.38 -7.40
N GLY C 195 30.85 3.05 -7.45
CA GLY C 195 31.86 2.17 -8.00
C GLY C 195 32.18 2.50 -9.44
N PRO C 196 33.23 1.86 -9.98
CA PRO C 196 33.67 2.19 -11.35
C PRO C 196 32.56 2.10 -12.39
N GLY C 197 32.28 3.24 -13.03
CA GLY C 197 31.26 3.29 -14.06
C GLY C 197 31.35 4.61 -14.79
N MET C 198 30.72 4.64 -15.96
CA MET C 198 30.78 5.84 -16.78
C MET C 198 29.79 6.89 -16.28
N SER C 199 30.20 8.14 -16.37
CA SER C 199 29.34 9.29 -16.09
C SER C 199 29.13 10.06 -17.38
N MET C 200 27.99 10.75 -17.47
CA MET C 200 27.67 11.47 -18.69
C MET C 200 28.43 12.80 -18.79
N SER C 201 29.50 12.88 -18.00
CA SER C 201 30.53 13.90 -18.11
C SER C 201 31.43 13.61 -19.29
N ALA C 202 31.23 12.46 -19.95
CA ALA C 202 31.96 12.16 -21.17
C ALA C 202 31.41 12.97 -22.33
N SER C 203 30.16 13.41 -22.23
CA SER C 203 29.63 14.32 -23.23
C SER C 203 30.35 15.66 -23.19
N VAL C 204 30.66 16.15 -21.98
CA VAL C 204 31.35 17.43 -21.84
C VAL C 204 32.83 17.29 -22.17
N ALA C 205 33.36 16.07 -22.13
CA ALA C 205 34.76 15.82 -22.47
C ALA C 205 35.01 16.03 -23.97
N VAL C 206 34.01 15.75 -24.80
CA VAL C 206 34.11 15.97 -26.24
C VAL C 206 34.21 17.47 -26.46
N LYS C 207 35.44 17.96 -26.68
CA LYS C 207 35.64 19.40 -26.80
C LYS C 207 36.39 19.82 -28.06
N ALA C 208 37.63 19.37 -28.22
CA ALA C 208 38.38 19.77 -29.39
C ALA C 208 37.84 19.03 -30.60
N ILE C 209 37.99 19.62 -31.78
CA ILE C 209 37.32 19.11 -32.97
C ILE C 209 38.04 17.85 -33.41
N GLU C 210 37.42 16.70 -33.15
CA GLU C 210 37.93 15.36 -33.44
C GLU C 210 39.17 15.05 -32.62
N GLY C 211 39.92 16.07 -32.20
CA GLY C 211 40.98 15.81 -31.24
C GLY C 211 40.43 15.34 -29.90
N VAL C 212 39.15 15.60 -29.64
CA VAL C 212 38.31 14.72 -28.85
C VAL C 212 37.23 14.24 -29.81
N LYS C 213 37.52 13.17 -30.55
CA LYS C 213 36.52 12.62 -31.47
C LYS C 213 35.45 11.86 -30.70
N ASP C 214 35.86 11.07 -29.73
CA ASP C 214 34.97 10.43 -28.77
C ASP C 214 35.68 10.41 -27.43
N ALA C 215 34.90 10.21 -26.37
CA ALA C 215 35.49 10.21 -25.04
C ALA C 215 34.65 9.34 -24.12
N LEU C 216 35.34 8.70 -23.18
CA LEU C 216 34.70 7.95 -22.10
C LEU C 216 35.26 8.47 -20.79
N ALA C 217 34.37 8.96 -19.93
CA ALA C 217 34.74 9.48 -18.62
C ALA C 217 34.20 8.55 -17.55
N LEU C 218 35.06 8.14 -16.63
CA LEU C 218 34.70 7.22 -15.57
C LEU C 218 34.80 7.91 -14.22
N ILE C 219 33.83 7.63 -13.35
CA ILE C 219 33.91 7.98 -11.94
C ILE C 219 34.45 6.76 -11.21
N ILE C 220 35.44 6.98 -10.34
CA ILE C 220 36.13 5.89 -9.66
C ILE C 220 36.11 6.18 -8.18
N PRO C 221 35.60 5.28 -7.34
CA PRO C 221 35.61 5.54 -5.90
C PRO C 221 36.98 5.25 -5.31
N ILE C 222 37.43 6.15 -4.44
CA ILE C 222 38.70 5.99 -3.74
C ILE C 222 38.49 5.89 -2.23
N GLY C 223 37.26 5.77 -1.77
CA GLY C 223 36.94 5.56 -0.38
C GLY C 223 36.35 6.82 0.26
N THR C 224 35.62 6.59 1.35
CA THR C 224 35.01 7.64 2.17
C THR C 224 34.34 8.73 1.36
N GLY C 225 33.58 8.36 0.34
CA GLY C 225 32.81 9.31 -0.44
C GLY C 225 33.61 10.12 -1.44
N LEU C 226 34.94 10.00 -1.44
CA LEU C 226 35.77 10.70 -2.39
C LEU C 226 35.85 9.91 -3.69
N HIS C 227 35.99 10.63 -4.80
CA HIS C 227 35.98 9.99 -6.11
C HIS C 227 37.07 10.56 -7.00
N ARG C 228 37.66 9.68 -7.80
CA ARG C 228 38.64 10.02 -8.82
C ARG C 228 38.02 9.85 -10.21
N ARG C 229 38.47 10.65 -11.16
CA ARG C 229 37.98 10.62 -12.53
C ARG C 229 39.04 10.07 -13.47
N MET C 230 38.62 9.22 -14.40
CA MET C 230 39.49 8.68 -15.44
C MET C 230 38.85 8.93 -16.79
N VAL C 231 39.59 9.58 -17.68
CA VAL C 231 39.08 10.00 -18.98
C VAL C 231 39.86 9.29 -20.06
N TYR C 232 39.15 8.58 -20.93
CA TYR C 232 39.73 7.97 -22.12
C TYR C 232 39.28 8.78 -23.33
N VAL C 233 40.24 9.25 -24.12
CA VAL C 233 40.00 10.21 -25.19
C VAL C 233 40.47 9.63 -26.51
N GLU C 234 39.67 9.81 -27.55
CA GLU C 234 40.10 9.47 -28.91
C GLU C 234 40.65 10.74 -29.55
N LEU C 235 41.97 10.78 -29.71
CA LEU C 235 42.65 11.99 -30.16
C LEU C 235 42.69 12.06 -31.69
N GLU C 237 42.89 13.65 -34.94
CA GLU C 237 43.93 13.64 -35.94
C GLU C 237 45.20 14.28 -35.41
N GLY C 238 45.71 15.28 -36.14
CA GLY C 238 46.94 15.95 -35.76
C GLY C 238 46.77 16.90 -34.60
N ALA C 239 46.77 16.36 -33.39
CA ALA C 239 46.67 17.14 -32.17
C ALA C 239 47.58 16.52 -31.13
N ASP C 240 48.06 17.35 -30.22
CA ASP C 240 49.02 16.90 -29.22
C ASP C 240 48.32 16.43 -27.96
N PHE C 241 48.79 15.31 -27.42
CA PHE C 241 48.19 14.74 -26.22
C PHE C 241 48.42 15.66 -25.02
N ALA C 242 49.61 16.25 -24.92
CA ALA C 242 49.91 17.11 -23.79
C ALA C 242 48.96 18.30 -23.75
N THR C 243 48.54 18.81 -24.90
CA THR C 243 47.63 19.95 -24.91
C THR C 243 46.21 19.52 -24.55
N VAL C 244 45.69 18.47 -25.18
CA VAL C 244 44.33 18.04 -24.89
C VAL C 244 44.21 17.57 -23.44
N LYS C 245 45.28 16.98 -22.90
CA LYS C 245 45.31 16.72 -21.47
C LYS C 245 45.24 18.04 -20.70
N GLU C 246 46.00 19.04 -21.15
CA GLU C 246 45.99 20.33 -20.47
C GLU C 246 44.86 21.22 -20.97
N ARG C 247 43.74 20.62 -21.38
CA ARG C 247 42.54 21.39 -21.71
C ARG C 247 41.37 20.89 -20.88
N ILE C 248 41.37 19.59 -20.60
CA ILE C 248 40.42 18.96 -19.68
C ILE C 248 40.94 18.99 -18.24
N LEU C 249 42.24 18.78 -18.01
CA LEU C 249 42.74 18.77 -16.64
C LEU C 249 42.67 20.15 -16.00
N GLN C 250 42.54 21.21 -16.80
CA GLN C 250 42.27 22.56 -16.33
C GLN C 250 40.83 22.98 -16.63
N ASP C 251 40.01 22.04 -17.12
CA ASP C 251 38.59 22.31 -17.26
C ASP C 251 37.95 22.44 -15.88
N PRO C 252 36.98 23.36 -15.72
CA PRO C 252 36.40 23.60 -14.39
C PRO C 252 35.77 22.38 -13.73
N LEU C 253 35.34 21.38 -14.49
CA LEU C 253 34.64 20.23 -13.91
C LEU C 253 35.57 19.21 -13.27
N PHE C 254 36.86 19.20 -13.61
CA PHE C 254 37.76 18.13 -13.19
C PHE C 254 39.01 18.68 -12.51
N VAL C 255 38.92 19.86 -11.88
CA VAL C 255 40.10 20.48 -11.30
C VAL C 255 40.30 20.09 -9.84
N HIS C 256 39.22 20.03 -9.06
CA HIS C 256 39.35 19.75 -7.64
C HIS C 256 39.37 18.27 -7.32
N ASP C 257 39.20 17.42 -8.34
CA ASP C 257 39.30 15.98 -8.21
C ASP C 257 40.50 15.51 -9.02
N GLU C 258 41.27 14.58 -8.46
CA GLU C 258 42.37 13.99 -9.22
C GLU C 258 41.82 13.31 -10.47
N THR C 259 42.38 13.67 -11.62
CA THR C 259 41.85 13.24 -12.91
C THR C 259 43.00 12.70 -13.75
N HIS C 260 42.82 11.50 -14.28
CA HIS C 260 43.80 10.86 -15.14
C HIS C 260 43.27 10.80 -16.56
N VAL C 261 44.15 11.05 -17.53
CA VAL C 261 43.80 11.03 -18.95
C VAL C 261 44.72 10.06 -19.67
N LEU C 262 44.12 9.21 -20.50
CA LEU C 262 44.85 8.25 -21.33
C LEU C 262 44.27 8.29 -22.73
N GLN C 263 45.14 8.16 -23.73
CA GLN C 263 44.74 8.16 -25.13
C GLN C 263 44.49 6.73 -25.58
N VAL C 264 43.38 6.53 -26.31
CA VAL C 264 42.98 5.21 -26.79
C VAL C 264 42.58 5.31 -28.25
N ASP C 265 42.64 4.15 -28.93
CA ASP C 265 42.28 4.08 -30.34
C ASP C 265 40.78 4.14 -30.56
N ASP C 266 40.01 3.42 -29.74
CA ASP C 266 38.57 3.32 -29.90
C ASP C 266 37.92 3.40 -28.51
N VAL C 267 37.29 4.54 -28.22
CA VAL C 267 36.62 4.70 -26.93
C VAL C 267 35.43 3.77 -26.81
N LYS C 268 34.79 3.44 -27.93
CA LYS C 268 33.63 2.55 -27.91
C LYS C 268 33.99 1.15 -27.42
N GLN C 269 35.24 0.72 -27.61
CA GLN C 269 35.65 -0.60 -27.16
C GLN C 269 35.68 -0.74 -25.64
N LEU C 270 35.58 0.36 -24.90
CA LEU C 270 35.68 0.34 -23.45
C LEU C 270 34.34 0.56 -22.75
N ILE C 271 33.28 0.85 -23.49
CA ILE C 271 32.04 1.32 -22.89
C ILE C 271 31.25 0.14 -22.33
N ASP C 272 30.86 0.27 -21.06
CA ASP C 272 29.89 -0.63 -20.43
C ASP C 272 29.05 0.18 -19.46
N ARG C 273 27.73 0.02 -19.54
CA ARG C 273 26.80 0.81 -18.75
C ARG C 273 26.46 0.18 -17.41
N GLY C 274 27.17 -0.87 -17.01
CA GLY C 274 27.07 -1.35 -15.65
C GLY C 274 27.77 -0.43 -14.67
N ILE C 275 27.34 -0.47 -13.42
CA ILE C 275 27.90 0.38 -12.38
C ILE C 275 27.71 -0.29 -11.02
N ALA C 276 28.46 0.18 -10.03
CA ALA C 276 28.35 -0.29 -8.66
C ALA C 276 28.11 0.90 -7.74
N VAL C 277 27.34 0.68 -6.67
CA VAL C 277 27.12 1.66 -5.62
C VAL C 277 27.30 0.95 -4.29
N ARG C 278 28.18 1.48 -3.44
CA ARG C 278 28.44 0.96 -2.10
C ARG C 278 28.21 2.07 -1.08
N MET C 279 27.31 1.82 -0.13
CA MET C 279 27.00 2.77 0.92
C MET C 279 27.38 2.15 2.26
N GLU C 280 28.11 2.90 3.07
CA GLU C 280 28.49 2.49 4.41
C GLU C 280 28.05 3.55 5.40
N ARG C 281 27.54 3.12 6.55
CA ARG C 281 27.31 4.02 7.66
C ARG C 281 27.78 3.35 8.94
N LYS C 282 28.57 4.08 9.73
CA LYS C 282 28.92 3.69 11.10
C LYS C 282 28.33 4.75 12.01
N GLY C 283 27.44 4.34 12.91
CA GLY C 283 26.70 5.31 13.65
C GLY C 283 26.22 4.83 15.01
N VAL C 284 25.46 5.70 15.64
CA VAL C 284 24.97 5.50 17.01
C VAL C 284 23.47 5.27 16.95
N SER C 285 23.02 4.12 17.45
CA SER C 285 21.60 3.83 17.59
C SER C 285 21.22 4.12 19.03
N GLY C 286 20.50 5.23 19.24
CA GLY C 286 20.17 5.66 20.58
C GLY C 286 21.39 6.28 21.23
N GLN C 287 22.08 5.51 22.06
CA GLN C 287 23.35 5.91 22.66
C GLN C 287 24.43 4.87 22.44
N THR C 288 24.15 3.80 21.69
CA THR C 288 25.09 2.71 21.46
C THR C 288 25.93 2.99 20.23
N GLN C 289 27.25 3.05 20.42
CA GLN C 289 28.16 3.35 19.32
C GLN C 289 28.35 2.15 18.41
N ASN C 290 28.98 2.40 17.26
CA ASN C 290 29.54 1.35 16.40
C ASN C 290 28.45 0.46 15.79
N GLN C 291 27.33 1.05 15.39
CA GLN C 291 26.35 0.33 14.59
C GLN C 291 26.75 0.39 13.13
N LEU C 292 26.82 -0.77 12.48
CA LEU C 292 27.45 -0.91 11.18
C LEU C 292 26.41 -1.32 10.13
N PHE C 293 26.38 -0.59 9.02
CA PHE C 293 25.43 -0.83 7.94
C PHE C 293 26.16 -0.76 6.62
N THR C 294 25.88 -1.73 5.74
CA THR C 294 26.49 -1.76 4.42
C THR C 294 25.44 -2.13 3.38
N TYR C 295 25.39 -1.35 2.30
CA TYR C 295 24.53 -1.62 1.17
C TYR C 295 25.35 -1.55 -0.10
N GLU C 296 25.21 -2.54 -0.96
CA GLU C 296 26.01 -2.65 -2.17
C GLU C 296 25.12 -3.19 -3.28
N MET C 297 25.27 -2.64 -4.48
CA MET C 297 24.52 -3.09 -5.64
C MET C 297 25.39 -3.00 -6.87
N ARG C 298 25.30 -4.02 -7.73
CA ARG C 298 26.05 -4.10 -8.98
C ARG C 298 25.01 -4.33 -10.07
N ILE C 299 24.72 -3.29 -10.86
CA ILE C 299 23.53 -3.29 -11.69
C ILE C 299 23.80 -2.63 -13.03
N ASN C 300 22.94 -2.96 -14.00
CA ASN C 300 22.86 -2.22 -15.26
C ASN C 300 22.19 -0.87 -14.97
N ASN C 301 22.94 0.22 -15.16
CA ASN C 301 22.45 1.53 -14.72
C ASN C 301 21.15 1.94 -15.41
N PRO C 302 21.07 2.03 -16.75
CA PRO C 302 19.79 2.43 -17.34
C PRO C 302 18.66 1.44 -17.08
N ALA C 303 18.96 0.14 -17.06
CA ALA C 303 17.94 -0.86 -16.78
C ALA C 303 17.29 -0.62 -15.41
N LEU C 304 18.11 -0.38 -14.39
CA LEU C 304 17.58 -0.16 -13.05
C LEU C 304 16.84 1.17 -12.96
N THR C 305 17.46 2.24 -13.46
CA THR C 305 16.83 3.56 -13.38
C THR C 305 15.48 3.57 -14.06
N SER C 306 15.38 2.95 -15.24
CA SER C 306 14.09 2.88 -15.93
C SER C 306 13.09 2.04 -15.15
N GLN C 307 13.58 0.98 -14.49
CA GLN C 307 12.68 0.15 -13.70
C GLN C 307 12.12 0.91 -12.51
N VAL C 308 12.97 1.69 -11.84
CA VAL C 308 12.50 2.49 -10.71
C VAL C 308 11.47 3.51 -11.17
N MET C 309 11.70 4.12 -12.34
CA MET C 309 10.75 5.10 -12.87
C MET C 309 9.40 4.46 -13.17
N ILE C 310 9.40 3.20 -13.63
CA ILE C 310 8.14 2.52 -13.88
C ILE C 310 7.42 2.22 -12.57
N ALA C 311 8.16 1.78 -11.55
CA ALA C 311 7.56 1.58 -10.24
C ALA C 311 7.05 2.89 -9.65
N SER C 312 7.74 3.99 -9.92
CA SER C 312 7.28 5.30 -9.44
C SER C 312 5.99 5.72 -10.15
N ALA C 313 5.85 5.38 -11.43
CA ALA C 313 4.59 5.65 -12.13
C ALA C 313 3.42 4.96 -11.42
N ARG C 314 3.65 3.74 -10.95
CA ARG C 314 2.65 3.05 -10.14
C ARG C 314 2.33 3.83 -8.87
N ALA C 315 3.36 4.34 -8.20
CA ALA C 315 3.15 5.09 -6.96
C ALA C 315 2.43 6.41 -7.21
N ALA C 316 2.67 7.02 -8.38
CA ALA C 316 2.04 8.31 -8.70
C ALA C 316 0.52 8.20 -8.69
N MET C 317 -0.01 7.07 -9.14
CA MET C 317 -1.45 6.85 -9.16
C MET C 317 -2.06 6.75 -7.76
N ARG C 318 -1.23 6.67 -6.72
CA ARG C 318 -1.73 6.48 -5.36
C ARG C 318 -1.51 7.71 -4.47
N GLN C 319 -1.10 8.83 -5.05
CA GLN C 319 -0.78 10.03 -4.28
C GLN C 319 -1.83 11.10 -4.49
N LYS C 320 -1.88 12.03 -3.54
CA LYS C 320 -2.61 13.27 -3.70
C LYS C 320 -1.83 14.20 -4.63
N PRO C 321 -2.50 15.16 -5.25
CA PRO C 321 -1.79 16.09 -6.16
C PRO C 321 -0.61 16.77 -5.48
N GLY C 322 0.47 16.93 -6.24
CA GLY C 322 1.68 17.54 -5.73
C GLY C 322 2.94 16.89 -6.28
N ALA C 323 4.10 17.37 -5.84
CA ALA C 323 5.39 16.82 -6.25
C ALA C 323 6.05 16.13 -5.07
N TYR C 324 6.61 14.95 -5.33
CA TYR C 324 7.20 14.12 -4.28
C TYR C 324 8.56 13.59 -4.72
N THR C 325 9.52 13.61 -3.80
CA THR C 325 10.69 12.76 -3.93
C THR C 325 10.38 11.37 -3.40
N MET C 326 11.31 10.43 -3.58
CA MET C 326 11.05 9.04 -3.24
C MET C 326 11.02 8.79 -1.73
N ILE C 327 11.56 9.70 -0.92
CA ILE C 327 11.53 9.50 0.53
C ILE C 327 10.26 10.10 1.12
N GLU C 328 9.36 10.57 0.26
CA GLU C 328 8.09 11.13 0.69
C GLU C 328 6.91 10.24 0.30
N ILE C 329 7.17 9.00 -0.11
CA ILE C 329 6.12 8.09 -0.57
C ILE C 329 6.26 6.76 0.15
N PRO C 330 5.16 6.19 0.66
CA PRO C 330 5.23 4.86 1.28
C PRO C 330 5.81 3.82 0.32
N ILE C 331 6.72 3.00 0.84
CA ILE C 331 7.42 2.00 0.03
C ILE C 331 6.42 1.08 -0.66
N ILE C 332 5.33 0.73 0.03
CA ILE C 332 4.37 -0.21 -0.52
C ILE C 332 3.69 0.36 -1.77
N ASP C 333 3.64 1.68 -1.89
CA ASP C 333 3.00 2.31 -3.04
C ASP C 333 3.73 2.03 -4.35
N PHE C 334 5.02 1.71 -4.30
CA PHE C 334 5.77 1.38 -5.51
C PHE C 334 5.56 -0.06 -5.95
N LEU C 335 4.89 -0.89 -5.16
CA LEU C 335 4.80 -2.32 -5.41
C LEU C 335 3.45 -2.67 -6.03
N TYR C 336 3.47 -3.64 -6.94
CA TYR C 336 2.27 -4.21 -7.53
C TYR C 336 1.77 -5.36 -6.69
N GLY C 337 0.45 -5.44 -6.53
CA GLY C 337 -0.17 -6.58 -5.86
C GLY C 337 -1.16 -6.15 -4.80
N ASP C 338 -1.83 -7.16 -4.25
CA ASP C 338 -2.76 -6.95 -3.15
C ASP C 338 -1.99 -6.48 -1.92
N ARG C 339 -2.53 -5.45 -1.25
CA ARG C 339 -1.83 -4.86 -0.10
C ARG C 339 -1.56 -5.89 0.99
N ASP C 340 -2.58 -6.68 1.36
CA ASP C 340 -2.39 -7.65 2.43
C ASP C 340 -1.40 -8.73 2.06
N GLU C 341 -1.40 -9.18 0.80
CA GLU C 341 -0.44 -10.20 0.40
C GLU C 341 0.97 -9.65 0.34
N LEU C 342 1.13 -8.37 -0.03
CA LEU C 342 2.45 -7.75 0.00
C LEU C 342 2.98 -7.68 1.42
N ILE C 343 2.13 -7.27 2.37
CA ILE C 343 2.55 -7.20 3.78
C ILE C 343 2.87 -8.60 4.30
N ARG C 344 2.06 -9.59 3.94
CA ARG C 344 2.31 -10.96 4.36
C ARG C 344 3.62 -11.48 3.78
N ARG C 345 3.95 -11.08 2.55
CA ARG C 345 5.14 -11.61 1.89
C ARG C 345 6.40 -10.88 2.31
N LEU C 346 6.31 -9.62 2.70
CA LEU C 346 7.49 -8.76 2.80
C LEU C 346 7.79 -8.25 4.20
N VAL C 347 6.78 -8.04 5.04
CA VAL C 347 7.04 -7.50 6.37
C VAL C 347 7.41 -8.64 7.32
PA NAP D . 12.53 -8.98 27.74
O1A NAP D . 13.91 -8.60 28.13
O2A NAP D . 12.17 -10.33 28.24
O5B NAP D . 11.49 -7.88 28.29
C5B NAP D . 10.14 -8.21 28.51
C4B NAP D . 9.58 -7.14 29.43
O4B NAP D . 8.17 -7.03 29.26
C3B NAP D . 9.82 -7.45 30.88
O3B NAP D . 10.97 -6.77 31.34
C2B NAP D . 8.59 -6.94 31.59
O2B NAP D . 8.89 -5.63 32.00
C1B NAP D . 7.52 -6.94 30.51
N9A NAP D . 6.65 -8.11 30.69
C8A NAP D . 7.07 -9.42 30.82
N7A NAP D . 5.98 -10.20 30.96
C5A NAP D . 4.88 -9.44 30.91
C6A NAP D . 3.53 -9.74 31.00
N6A NAP D . 3.14 -11.00 31.17
N1A NAP D . 2.59 -8.72 30.92
C2A NAP D . 3.01 -7.42 30.75
N3A NAP D . 4.35 -7.13 30.66
C4A NAP D . 5.28 -8.11 30.74
O3 NAP D . 12.36 -8.89 26.14
PN NAP D . 13.06 -7.91 25.06
O1N NAP D . 14.36 -8.49 24.67
O2N NAP D . 12.97 -6.53 25.57
O5D NAP D . 12.05 -8.06 23.82
C5D NAP D . 10.74 -7.57 23.94
C4D NAP D . 9.95 -7.79 22.65
O4D NAP D . 10.53 -7.10 21.57
C3D NAP D . 9.95 -9.26 22.26
O3D NAP D . 8.77 -9.90 22.69
C2D NAP D . 10.01 -9.26 20.74
O2D NAP D . 8.77 -9.63 20.19
C1D NAP D . 10.34 -7.82 20.37
N1N NAP D . 11.54 -7.79 19.50
C2N NAP D . 11.38 -7.65 18.15
C3N NAP D . 12.48 -7.61 17.31
C7N NAP D . 12.30 -7.16 15.89
O7N NAP D . 13.40 -7.18 15.01
N7N NAP D . 11.09 -6.76 15.49
C4N NAP D . 13.75 -7.72 17.85
C5N NAP D . 13.92 -7.85 19.22
C6N NAP D . 12.80 -7.88 20.04
P2B NAP D . 8.51 -5.15 33.49
O1X NAP D . 8.88 -3.68 33.63
O2X NAP D . 9.33 -5.94 34.47
O3X NAP D . 7.04 -5.35 33.73
C1 OXM E . 15.49 -11.31 16.28
N1 OXM E . 15.09 -10.26 15.60
O1 OXM E . 15.78 -11.27 17.49
C2 OXM E . 15.58 -12.62 15.58
O2 OXM E . 15.59 -12.64 14.32
O3 OXM E . 15.65 -13.66 16.25
N1 IMD F . 10.85 -14.10 6.86
C2 IMD F . 12.08 -14.44 6.43
N3 IMD F . 13.00 -13.84 7.22
C4 IMD F . 12.34 -13.12 8.16
C5 IMD F . 10.98 -13.29 7.93
C ACY G . 14.30 -16.36 10.36
O ACY G . 14.83 -16.10 9.25
OXT ACY G . 13.32 -15.80 10.94
CH3 ACY G . 14.91 -17.57 11.16
PA NAP H . -29.36 -3.08 -15.27
O1A NAP H . -30.76 -2.76 -15.60
O2A NAP H . -28.86 -4.22 -16.08
O5B NAP H . -28.42 -1.81 -15.50
C5B NAP H . -27.05 -1.96 -15.79
C4B NAP H . -26.55 -0.64 -16.35
O4B NAP H . -25.15 -0.54 -16.15
C3B NAP H . -26.80 -0.52 -17.85
O3B NAP H . -27.96 0.23 -18.08
C2B NAP H . -25.59 0.21 -18.36
O2B NAP H . -25.90 1.57 -18.37
C1B NAP H . -24.52 -0.07 -17.32
N9A NAP H . -23.61 -1.12 -17.81
C8A NAP H . -23.98 -2.35 -18.28
N7A NAP H . -22.86 -3.03 -18.63
C5A NAP H . -21.79 -2.24 -18.39
C6A NAP H . -20.43 -2.44 -18.57
N6A NAP H . -19.98 -3.59 -19.06
N1A NAP H . -19.54 -1.43 -18.23
C2A NAP H . -20.01 -0.24 -17.72
N3A NAP H . -21.37 -0.05 -17.55
C4A NAP H . -22.25 -1.03 -17.88
O3 NAP H . -29.21 -3.39 -13.70
PN NAP H . -30.01 -2.75 -12.45
O1N NAP H . -31.30 -3.47 -12.30
O2N NAP H . -29.99 -1.28 -12.61
O5D NAP H . -29.08 -3.11 -11.19
C5D NAP H . -27.69 -3.24 -11.38
C4D NAP H . -26.97 -3.57 -10.07
O4D NAP H . -27.69 -3.16 -8.93
C3D NAP H . -26.80 -5.07 -9.94
O3D NAP H . -25.52 -5.48 -10.37
C2D NAP H . -26.95 -5.36 -8.46
O2D NAP H . -25.70 -5.69 -7.91
C1D NAP H . -27.48 -4.07 -7.86
N1N NAP H . -28.70 -4.32 -7.06
C2N NAP H . -28.57 -4.43 -5.71
C3N NAP H . -29.67 -4.68 -4.90
C7N NAP H . -29.50 -4.78 -3.41
O7N NAP H . -28.27 -4.41 -2.82
N7N NAP H . -30.53 -5.20 -2.68
C4N NAP H . -30.92 -4.82 -5.49
C5N NAP H . -31.04 -4.72 -6.87
C6N NAP H . -29.92 -4.46 -7.65
P2B NAP H . -25.54 2.49 -19.64
O1X NAP H . -26.28 3.80 -19.51
O2X NAP H . -24.05 2.74 -19.67
O3X NAP H . -25.97 1.78 -20.90
C1 OXM I . -32.56 -8.86 -3.84
N1 OXM I . -32.48 -7.54 -3.90
O1 OXM I . -32.11 -9.52 -2.88
C2 OXM I . -33.21 -9.56 -4.97
O2 OXM I . -33.39 -8.94 -6.03
O3 OXM I . -33.53 -10.76 -4.83
N1 IMD J . -27.04 13.64 10.66
C2 IMD J . -28.18 14.12 10.13
N3 IMD J . -28.13 15.47 10.09
C4 IMD J . -26.93 15.84 10.59
C5 IMD J . -26.25 14.69 10.96
N1 IMD K . -27.99 -19.80 12.31
C2 IMD K . -28.92 -20.06 11.36
N3 IMD K . -28.29 -20.55 10.27
C4 IMD K . -26.96 -20.61 10.53
C5 IMD K . -26.77 -20.14 11.82
N1 IMD L . -27.37 -13.31 3.70
C2 IMD L . -28.33 -12.47 3.24
N3 IMD L . -29.50 -13.14 3.18
C4 IMD L . -29.28 -14.41 3.61
C5 IMD L . -27.93 -14.51 3.93
C ACY M . -43.47 -11.27 -9.94
O ACY M . -42.90 -11.12 -11.06
OXT ACY M . -44.69 -11.04 -9.62
CH3 ACY M . -42.57 -11.81 -8.77
N1 IMD N . -32.38 -17.06 6.13
C2 IMD N . -31.41 -17.54 5.32
N3 IMD N . -30.42 -18.07 6.08
C4 IMD N . -30.77 -17.94 7.37
C5 IMD N . -32.00 -17.30 7.41
PA NAP O . 20.15 10.31 -23.65
O1A NAP O . 20.62 9.04 -24.26
O2A NAP O . 21.02 11.43 -24.06
O5B NAP O . 18.62 10.55 -24.11
C5B NAP O . 18.04 11.83 -24.16
C4B NAP O . 16.80 11.68 -25.04
O4B NAP O . 15.82 12.65 -24.74
C3B NAP O . 17.15 11.86 -26.52
O3B NAP O . 17.34 10.60 -27.11
C2B NAP O . 15.94 12.52 -27.11
O2B NAP O . 15.14 11.47 -27.58
C1B NAP O . 15.25 13.20 -25.93
N9A NAP O . 15.45 14.67 -25.94
C8A NAP O . 14.45 15.58 -25.68
N7A NAP O . 14.95 16.83 -25.78
C5A NAP O . 16.26 16.74 -26.12
C6A NAP O . 17.22 17.72 -26.34
N6A NAP O . 16.90 19.01 -26.24
N1A NAP O . 18.50 17.35 -26.68
C2A NAP O . 18.82 16.00 -26.78
N3A NAP O . 17.87 15.04 -26.55
C4A NAP O . 16.59 15.40 -26.23
O3 NAP O . 20.05 10.19 -22.04
PN NAP O . 19.71 8.95 -21.07
O1N NAP O . 20.97 8.23 -20.77
O2N NAP O . 18.55 8.21 -21.63
O5D NAP O . 19.33 9.67 -19.70
C5D NAP O . 19.07 11.05 -19.70
C4D NAP O . 18.66 11.55 -18.32
O4D NAP O . 18.44 10.48 -17.42
C3D NAP O . 19.68 12.46 -17.67
O3D NAP O . 19.34 13.81 -17.91
C2D NAP O . 19.59 12.16 -16.19
O2D NAP O . 18.92 13.22 -15.54
C1D NAP O . 18.75 10.89 -16.10
N1N NAP O . 19.47 9.85 -15.34
C2N NAP O . 19.15 9.64 -14.03
C3N NAP O . 19.81 8.67 -13.28
C7N NAP O . 19.56 8.56 -11.81
O7N NAP O . 20.16 7.50 -11.09
N7N NAP O . 18.80 9.47 -11.21
C4N NAP O . 20.81 7.92 -13.88
C5N NAP O . 21.14 8.14 -15.22
C6N NAP O . 20.45 9.11 -15.94
P2B NAP O . 14.36 11.53 -28.98
O1X NAP O . 14.30 12.95 -29.49
O2X NAP O . 15.00 10.60 -29.98
O3X NAP O . 12.97 11.04 -28.70
C1 OXM P . 24.76 7.92 -12.28
N1 OXM P . 23.76 7.88 -11.42
O1 OXM P . 24.66 7.56 -13.47
C2 OXM P . 26.06 8.44 -11.80
O2 OXM P . 27.08 8.36 -12.53
O3 OXM P . 26.12 8.96 -10.66
C1 OXM Q . 26.11 12.03 -3.16
N1 OXM Q . 25.93 10.85 -3.75
O1 OXM Q . 27.22 12.42 -2.75
C2 OXM Q . 24.93 12.91 -3.00
O2 OXM Q . 25.04 13.95 -2.31
O3 OXM Q . 23.86 12.59 -3.55
N1 IMD R . 0.38 -0.99 -2.89
C2 IMD R . -0.62 -0.53 -2.09
N3 IMD R . -1.65 -1.39 -2.17
C4 IMD R . -1.32 -2.38 -3.02
C5 IMD R . -0.04 -2.13 -3.48
#